data_3GSN
#
_entry.id   3GSN
#
_cell.length_a   75.450
_cell.length_b   77.060
_cell.length_c   87.220
_cell.angle_alpha   90.00
_cell.angle_beta   101.95
_cell.angle_gamma   90.00
#
_symmetry.space_group_name_H-M   'P 1 21 1'
#
loop_
_entity.id
_entity.type
_entity.pdbx_description
1 polymer 'HLA class I histocompatibility antigen, A-2 alpha chain'
2 polymer 'HCMV pp65 fragment 495-503 (NLVPMVATV)'
3 polymer Beta-2-microglobulin
4 polymer 'RA14 TCR alpha chain (TRAV24, TRAJ49)'
5 polymer 'RA14 TCR beta chain (TRBV6-5, TRBD1, TRBJ1-2)'
6 non-polymer 'SULFATE ION'
7 non-polymer 'CHLORIDE ION'
8 water water
#
loop_
_entity_poly.entity_id
_entity_poly.type
_entity_poly.pdbx_seq_one_letter_code
_entity_poly.pdbx_strand_id
1 'polypeptide(L)'
;GSHSMRYFFTSVSRPGRGEPRFIAVGYVDDTQFVRFDSDAASQRMEPRAPWIEQEGPEYWDGETRKVKAHSQTHRVDLGT
LRGYYNQSEAGSHTVQRMYGCDVGSDWRFLRGYHQYAYDGKDYIALKEDLRSWTAADMAAQTTKHKWEAAHVAEQLRAYL
EGTCVEWLRRYLENGKETLQRTDAPKTHMTHHAVSDHEATLRCWALSFYPAEITLTWQRDGEDQTQDTELVETRPAGDGT
FQKWVAVVVPSGQEQRYTCHVQHEGLPKPLTLRW
;
H
2 'polypeptide(L)' NLVPMVATV P
3 'polypeptide(L)'
;MIQRTPKIQVYSRHPAENGKSNFLNCYVSGFHPSDIEVDLLKNGERIEKVEHSDLSFSKDWSFYLLYYTEFTPTEKDEYA
CRVNHVTLSQPKIVKWDRDM
;
L
4 'polypeptide(L)'
;LNVEQSPQSLHVQEGDSTNFTCSFPSSNFYALHWYRWETAKSPEALFVMTLNGDEKKKGRISATLNTKEGYSYLYIKGSQ
PEDSATYLCARNTGNQFYFGTGTSLTVIPNIQNPDPAVYQLRDSKSSDKSVCLFTDFDSQTNVSQSKDSDAYITDKTVLD
MRSMDFKSNSAVAWSNKSDFACANAFNNSIIPEDTFFPS
;
A
5 'polypeptide(L)'
;MGVTQTPKFQVLKTGQSMTLQCAQDMNHEYMSWYRQDPGMGLRLIHYSVGAGITDQGEVPNGYNVSRSTTEDFPLRLLSA
APSQTSVYFCASSPVTGGIYGYTFGSGTRLTVVEDLNKVFPPEVAVFEPSEAEISHTQKATLVCLATGFFPDHVELSWWV
NGKEVHSGVSTDPQPLKEQPALNDSRYCLSSRLRVSATFWQNPRNHFRCQVQFYGLSENDEWTQDRAKPVTQIVSAEAWG
RAD
;
B
#
loop_
_chem_comp.id
_chem_comp.type
_chem_comp.name
_chem_comp.formula
CL non-polymer 'CHLORIDE ION' 'Cl -1'
SO4 non-polymer 'SULFATE ION' 'O4 S -2'
#
# COMPACT_ATOMS: atom_id res chain seq x y z
N GLY A 1 -17.40 -18.47 29.57
CA GLY A 1 -16.16 -19.02 28.94
C GLY A 1 -15.41 -18.02 28.07
N SER A 2 -14.50 -18.53 27.25
CA SER A 2 -13.73 -17.68 26.35
C SER A 2 -14.50 -17.33 25.09
N HIS A 3 -13.88 -16.54 24.23
CA HIS A 3 -14.48 -16.17 22.95
C HIS A 3 -13.43 -15.93 21.88
N SER A 4 -13.86 -16.01 20.62
CA SER A 4 -12.94 -16.09 19.52
C SER A 4 -13.36 -15.31 18.30
N MET A 5 -12.36 -14.83 17.58
CA MET A 5 -12.54 -14.34 16.23
C MET A 5 -11.32 -14.84 15.46
N ARG A 6 -11.58 -15.62 14.42
CA ARG A 6 -10.53 -16.15 13.58
C ARG A 6 -10.90 -15.91 12.12
N TYR A 7 -9.87 -15.75 11.30
CA TYR A 7 -10.04 -15.60 9.87
C TYR A 7 -9.23 -16.67 9.18
N PHE A 8 -9.83 -17.31 8.17
CA PHE A 8 -9.19 -18.45 7.50
C PHE A 8 -8.96 -18.17 6.02
N PHE A 9 -7.73 -18.39 5.54
CA PHE A 9 -7.40 -18.08 4.15
C PHE A 9 -6.92 -19.29 3.36
N THR A 10 -7.45 -19.42 2.14
CA THR A 10 -7.08 -20.53 1.30
C THR A 10 -6.96 -20.01 -0.10
N SER A 11 -5.74 -20.06 -0.65
CA SER A 11 -5.54 -19.70 -2.05
C SER A 11 -4.84 -20.84 -2.79
N VAL A 12 -5.47 -21.27 -3.88
CA VAL A 12 -5.02 -22.40 -4.65
C VAL A 12 -4.77 -21.94 -6.06
N SER A 13 -3.61 -22.32 -6.59
CA SER A 13 -3.20 -21.96 -7.92
C SER A 13 -3.88 -22.87 -8.93
N ARG A 14 -3.96 -22.40 -10.16
CA ARG A 14 -4.58 -23.14 -11.26
C ARG A 14 -3.81 -22.80 -12.53
N PRO A 15 -2.85 -23.66 -12.91
CA PRO A 15 -1.94 -23.48 -14.03
C PRO A 15 -2.61 -22.89 -15.28
N GLY A 16 -3.18 -23.75 -16.11
CA GLY A 16 -3.91 -23.32 -17.29
C GLY A 16 -4.98 -22.26 -17.02
N ARG A 17 -5.81 -22.47 -16.01
CA ARG A 17 -6.83 -21.49 -15.65
C ARG A 17 -6.16 -20.16 -15.31
N GLY A 18 -6.95 -19.14 -14.98
CA GLY A 18 -6.39 -17.82 -14.69
C GLY A 18 -5.85 -17.66 -13.28
N GLU A 19 -6.15 -16.52 -12.68
CA GLU A 19 -5.78 -16.21 -11.30
C GLU A 19 -6.16 -17.32 -10.33
N PRO A 20 -5.34 -17.54 -9.29
CA PRO A 20 -5.60 -18.55 -8.26
C PRO A 20 -6.90 -18.31 -7.45
N ARG A 21 -7.52 -19.40 -7.00
CA ARG A 21 -8.77 -19.34 -6.25
C ARG A 21 -8.51 -18.86 -4.83
N PHE A 22 -9.27 -17.87 -4.38
CA PHE A 22 -9.10 -17.30 -3.03
C PHE A 22 -10.40 -17.27 -2.22
N ILE A 23 -10.44 -18.06 -1.15
CA ILE A 23 -11.57 -18.10 -0.22
C ILE A 23 -11.11 -17.64 1.18
N ALA A 24 -11.77 -16.60 1.69
CA ALA A 24 -11.52 -16.11 3.05
C ALA A 24 -12.81 -16.18 3.83
N VAL A 25 -12.78 -16.71 5.04
CA VAL A 25 -13.98 -16.71 5.89
C VAL A 25 -13.67 -16.20 7.29
N GLY A 26 -14.67 -15.57 7.91
CA GLY A 26 -14.52 -15.02 9.25
C GLY A 26 -15.45 -15.67 10.25
N TYR A 27 -14.91 -16.03 11.41
CA TYR A 27 -15.68 -16.71 12.44
C TYR A 27 -15.72 -15.96 13.78
N VAL A 28 -16.83 -16.12 14.48
CA VAL A 28 -16.96 -15.64 15.85
C VAL A 28 -17.52 -16.81 16.67
N ASP A 29 -16.64 -17.49 17.39
CA ASP A 29 -17.05 -18.67 18.16
C ASP A 29 -17.99 -19.55 17.34
N ASP A 30 -17.44 -20.41 16.49
CA ASP A 30 -18.27 -21.41 15.80
C ASP A 30 -19.38 -20.81 14.94
N THR A 31 -19.34 -19.50 14.72
CA THR A 31 -20.31 -18.82 13.86
C THR A 31 -19.61 -17.99 12.80
N GLN A 32 -19.71 -18.41 11.55
CA GLN A 32 -19.17 -17.62 10.45
C GLN A 32 -20.02 -16.38 10.24
N PHE A 33 -19.41 -15.20 10.27
CA PHE A 33 -20.15 -13.94 10.05
C PHE A 33 -19.87 -13.26 8.70
N VAL A 34 -18.76 -13.60 8.05
CA VAL A 34 -18.49 -13.10 6.68
C VAL A 34 -17.76 -14.09 5.79
N ARG A 35 -17.68 -13.75 4.51
CA ARG A 35 -16.93 -14.56 3.56
C ARG A 35 -16.50 -13.73 2.34
N PHE A 36 -15.43 -14.17 1.71
CA PHE A 36 -15.06 -13.69 0.39
C PHE A 36 -14.57 -14.86 -0.46
N ASP A 37 -15.04 -14.92 -1.70
CA ASP A 37 -14.58 -15.93 -2.64
C ASP A 37 -14.22 -15.20 -3.92
N SER A 38 -13.01 -15.44 -4.42
CA SER A 38 -12.50 -14.76 -5.62
C SER A 38 -13.35 -15.02 -6.85
N ASP A 39 -14.16 -16.07 -6.83
CA ASP A 39 -15.01 -16.43 -7.96
C ASP A 39 -16.47 -15.99 -7.81
N ALA A 40 -16.81 -15.42 -6.66
CA ALA A 40 -18.17 -14.91 -6.40
C ALA A 40 -18.54 -13.80 -7.37
N ALA A 41 -19.81 -13.78 -7.78
CA ALA A 41 -20.31 -12.83 -8.76
C ALA A 41 -20.25 -11.38 -8.29
N SER A 42 -20.31 -11.20 -6.98
CA SER A 42 -20.33 -9.87 -6.38
C SER A 42 -18.95 -9.24 -6.40
N GLN A 43 -17.93 -10.04 -6.08
CA GLN A 43 -16.57 -9.55 -5.95
C GLN A 43 -16.43 -8.55 -4.78
N ARG A 44 -17.23 -8.80 -3.73
CA ARG A 44 -17.18 -8.00 -2.50
C ARG A 44 -17.26 -8.94 -1.30
N MET A 45 -16.79 -8.46 -0.14
CA MET A 45 -16.94 -9.20 1.11
C MET A 45 -18.42 -9.20 1.51
N GLU A 46 -18.96 -10.39 1.76
CA GLU A 46 -20.39 -10.55 1.99
C GLU A 46 -20.71 -10.87 3.44
N PRO A 47 -21.94 -10.50 3.87
CA PRO A 47 -22.43 -10.85 5.21
C PRO A 47 -22.88 -12.31 5.30
N ARG A 48 -22.55 -12.96 6.42
CA ARG A 48 -23.00 -14.35 6.66
C ARG A 48 -23.82 -14.54 7.93
N ALA A 49 -23.90 -13.51 8.76
CA ALA A 49 -24.70 -13.58 9.97
C ALA A 49 -25.46 -12.27 10.16
N PRO A 50 -26.81 -12.36 10.25
CA PRO A 50 -27.80 -11.27 10.37
C PRO A 50 -27.44 -10.12 11.31
N TRP A 51 -26.36 -10.24 12.06
CA TRP A 51 -25.94 -9.19 12.97
C TRP A 51 -24.76 -8.37 12.41
N ILE A 52 -24.32 -8.73 11.21
CA ILE A 52 -23.30 -7.94 10.52
C ILE A 52 -23.95 -7.20 9.35
N GLU A 53 -25.16 -7.62 8.99
CA GLU A 53 -25.97 -6.89 8.00
C GLU A 53 -26.33 -5.52 8.57
N GLN A 54 -26.68 -5.49 9.86
CA GLN A 54 -26.99 -4.24 10.54
C GLN A 54 -25.70 -3.45 10.77
N GLU A 55 -25.07 -3.10 9.64
CA GLU A 55 -23.78 -2.42 9.64
C GLU A 55 -23.27 -2.47 8.20
N GLY A 56 -24.12 -2.10 7.25
CA GLY A 56 -23.84 -2.34 5.83
C GLY A 56 -23.51 -1.17 4.92
N PRO A 57 -22.66 -0.22 5.38
CA PRO A 57 -22.37 0.94 4.57
C PRO A 57 -20.92 1.04 4.10
N GLU A 58 -20.05 1.55 4.97
CA GLU A 58 -18.65 1.74 4.62
C GLU A 58 -17.78 0.71 5.33
N TYR A 59 -18.42 -0.16 6.10
CA TYR A 59 -17.73 -1.27 6.75
C TYR A 59 -17.25 -2.25 5.70
N TRP A 60 -18.00 -2.34 4.61
CA TRP A 60 -17.74 -3.35 3.59
C TRP A 60 -16.81 -2.84 2.52
N ASP A 61 -16.39 -1.59 2.66
CA ASP A 61 -15.46 -0.97 1.72
C ASP A 61 -14.04 -1.35 2.12
N GLY A 62 -13.75 -1.26 3.42
CA GLY A 62 -12.43 -1.56 3.94
C GLY A 62 -12.20 -3.05 3.95
N GLU A 63 -13.14 -3.78 4.54
CA GLU A 63 -13.11 -5.23 4.55
C GLU A 63 -12.91 -5.79 3.15
N THR A 64 -13.64 -5.24 2.19
CA THR A 64 -13.50 -5.70 0.80
C THR A 64 -12.12 -5.30 0.30
N ARG A 65 -11.68 -4.12 0.68
CA ARG A 65 -10.40 -3.60 0.21
C ARG A 65 -9.25 -4.37 0.83
N LYS A 66 -9.31 -4.60 2.14
CA LYS A 66 -8.22 -5.33 2.78
C LYS A 66 -8.21 -6.83 2.47
N VAL A 67 -9.38 -7.38 2.14
CA VAL A 67 -9.44 -8.79 1.77
C VAL A 67 -8.90 -8.99 0.36
N LYS A 68 -9.17 -8.03 -0.53
CA LYS A 68 -8.60 -8.03 -1.87
C LYS A 68 -7.09 -7.82 -1.79
N ALA A 69 -6.64 -7.13 -0.74
CA ALA A 69 -5.22 -6.90 -0.53
C ALA A 69 -4.54 -8.18 -0.07
N HIS A 70 -5.21 -8.92 0.80
CA HIS A 70 -4.68 -10.18 1.31
C HIS A 70 -4.52 -11.15 0.16
N SER A 71 -5.55 -11.20 -0.69
CA SER A 71 -5.55 -12.08 -1.85
C SER A 71 -4.34 -11.78 -2.71
N GLN A 72 -4.06 -10.49 -2.88
CA GLN A 72 -2.89 -10.03 -3.65
C GLN A 72 -1.58 -10.59 -3.11
N THR A 73 -1.40 -10.52 -1.79
CA THR A 73 -0.24 -11.10 -1.10
C THR A 73 -0.09 -12.60 -1.38
N HIS A 74 -1.21 -13.32 -1.37
CA HIS A 74 -1.20 -14.76 -1.53
C HIS A 74 -0.83 -15.15 -2.97
N ARG A 75 -1.18 -14.29 -3.92
CA ARG A 75 -0.91 -14.54 -5.34
C ARG A 75 0.61 -14.61 -5.51
N VAL A 76 1.31 -13.62 -4.95
CA VAL A 76 2.75 -13.60 -5.00
C VAL A 76 3.29 -14.77 -4.18
N ASP A 77 2.84 -14.86 -2.93
CA ASP A 77 3.27 -15.95 -2.04
C ASP A 77 3.42 -17.27 -2.77
N LEU A 78 2.64 -17.49 -3.81
CA LEU A 78 2.71 -18.76 -4.54
C LEU A 78 3.94 -18.83 -5.45
N GLY A 79 4.36 -17.70 -5.98
CA GLY A 79 5.56 -17.67 -6.79
C GLY A 79 6.76 -17.84 -5.89
N THR A 80 6.82 -17.02 -4.84
CA THR A 80 7.96 -17.06 -3.94
C THR A 80 8.23 -18.48 -3.50
N LEU A 81 7.20 -19.12 -2.93
CA LEU A 81 7.33 -20.49 -2.42
C LEU A 81 7.68 -21.50 -3.51
N ARG A 82 7.20 -21.27 -4.73
CA ARG A 82 7.53 -22.13 -5.86
C ARG A 82 9.03 -22.02 -6.13
N GLY A 83 9.54 -20.79 -6.10
CA GLY A 83 10.97 -20.55 -6.25
C GLY A 83 11.75 -21.19 -5.12
N TYR A 84 11.31 -20.96 -3.88
CA TYR A 84 11.95 -21.60 -2.73
C TYR A 84 12.08 -23.10 -2.97
N TYR A 85 10.96 -23.80 -3.12
CA TYR A 85 11.03 -25.26 -3.21
C TYR A 85 11.33 -25.77 -4.61
N ASN A 86 11.69 -24.87 -5.51
CA ASN A 86 12.20 -25.25 -6.80
C ASN A 86 11.16 -26.07 -7.56
N GLN A 87 9.90 -25.65 -7.45
CA GLN A 87 8.81 -26.31 -8.15
C GLN A 87 8.50 -25.64 -9.49
N SER A 88 7.49 -26.15 -10.19
CA SER A 88 7.20 -25.69 -11.54
C SER A 88 5.79 -25.13 -11.70
N GLU A 89 5.52 -24.55 -12.87
CA GLU A 89 4.23 -24.00 -13.21
C GLU A 89 3.22 -25.10 -13.59
N ALA A 90 3.66 -26.35 -13.54
CA ALA A 90 2.76 -27.47 -13.75
C ALA A 90 1.60 -27.46 -12.74
N GLY A 91 1.72 -28.28 -11.71
CA GLY A 91 0.63 -28.53 -10.78
C GLY A 91 0.07 -27.36 -9.98
N SER A 92 -0.93 -27.67 -9.15
CA SER A 92 -1.56 -26.70 -8.28
C SER A 92 -0.96 -26.79 -6.88
N HIS A 93 -0.86 -25.65 -6.20
CA HIS A 93 -0.36 -25.65 -4.83
C HIS A 93 -1.21 -24.77 -3.90
N THR A 94 -1.04 -24.98 -2.60
CA THR A 94 -1.94 -24.42 -1.61
C THR A 94 -1.20 -23.71 -0.48
N VAL A 95 -1.52 -22.44 -0.27
CA VAL A 95 -1.08 -21.73 0.93
C VAL A 95 -2.29 -21.53 1.82
N GLN A 96 -2.04 -21.50 3.13
CA GLN A 96 -3.09 -21.24 4.11
C GLN A 96 -2.64 -20.23 5.15
N ARG A 97 -3.59 -19.48 5.67
CA ARG A 97 -3.29 -18.49 6.69
C ARG A 97 -4.47 -18.43 7.66
N MET A 98 -4.18 -18.23 8.93
CA MET A 98 -5.20 -18.20 9.98
C MET A 98 -4.71 -17.33 11.11
N TYR A 99 -5.49 -16.30 11.43
CA TYR A 99 -5.16 -15.43 12.52
C TYR A 99 -6.41 -14.99 13.27
N GLY A 100 -6.19 -14.44 14.46
CA GLY A 100 -7.28 -14.01 15.31
C GLY A 100 -6.86 -13.99 16.75
N CYS A 101 -7.78 -13.56 17.62
CA CYS A 101 -7.45 -13.42 19.03
C CYS A 101 -8.53 -14.04 19.89
N ASP A 102 -8.16 -14.36 21.13
CA ASP A 102 -9.09 -14.88 22.11
C ASP A 102 -9.26 -13.89 23.26
N VAL A 103 -10.47 -13.80 23.78
CA VAL A 103 -10.74 -12.99 24.96
C VAL A 103 -11.35 -13.87 26.03
N GLY A 104 -11.10 -13.53 27.29
CA GLY A 104 -11.57 -14.34 28.41
C GLY A 104 -13.01 -14.07 28.81
N SER A 105 -13.37 -14.48 30.01
CA SER A 105 -14.71 -14.21 30.52
C SER A 105 -14.87 -12.73 30.88
N ASP A 106 -13.79 -12.11 31.36
CA ASP A 106 -13.80 -10.67 31.57
C ASP A 106 -13.84 -9.94 30.24
N TRP A 107 -13.15 -10.49 29.23
CA TRP A 107 -13.07 -9.89 27.90
C TRP A 107 -11.78 -9.10 27.74
N ARG A 108 -10.87 -9.24 28.69
CA ARG A 108 -9.52 -8.74 28.55
C ARG A 108 -8.71 -9.70 27.68
N PHE A 109 -7.98 -9.14 26.73
CA PHE A 109 -7.20 -9.93 25.75
C PHE A 109 -6.57 -11.17 26.36
N LEU A 110 -6.89 -12.34 25.79
CA LEU A 110 -6.45 -13.61 26.34
C LEU A 110 -5.34 -14.24 25.51
N ARG A 111 -5.61 -14.40 24.21
CA ARG A 111 -4.63 -15.03 23.32
C ARG A 111 -4.69 -14.45 21.91
N GLY A 112 -3.60 -14.60 21.17
CA GLY A 112 -3.51 -14.12 19.80
C GLY A 112 -2.62 -15.01 18.94
N TYR A 113 -3.10 -15.35 17.76
CA TYR A 113 -2.39 -16.29 16.91
C TYR A 113 -2.35 -15.89 15.43
N HIS A 114 -1.35 -16.44 14.73
CA HIS A 114 -1.16 -16.18 13.31
C HIS A 114 -0.25 -17.24 12.69
N GLN A 115 -0.82 -18.14 11.90
CA GLN A 115 -0.03 -19.20 11.29
C GLN A 115 -0.26 -19.35 9.80
N TYR A 116 0.61 -20.14 9.16
CA TYR A 116 0.73 -20.20 7.72
C TYR A 116 1.31 -21.54 7.24
N ALA A 117 0.60 -22.20 6.33
CA ALA A 117 1.06 -23.50 5.83
C ALA A 117 1.14 -23.49 4.32
N TYR A 118 2.08 -24.25 3.78
CA TYR A 118 2.19 -24.45 2.34
C TYR A 118 1.97 -25.93 2.07
N ASP A 119 0.98 -26.23 1.22
CA ASP A 119 0.68 -27.61 0.85
C ASP A 119 0.38 -28.47 2.06
N GLY A 120 -0.48 -27.97 2.94
CA GLY A 120 -0.90 -28.74 4.12
C GLY A 120 0.07 -28.70 5.28
N LYS A 121 1.37 -28.72 4.99
CA LYS A 121 2.38 -28.82 6.04
C LYS A 121 2.73 -27.43 6.57
N ASP A 122 2.80 -27.30 7.90
CA ASP A 122 3.19 -26.04 8.54
C ASP A 122 4.39 -25.46 7.86
N TYR A 123 4.49 -24.12 7.88
CA TYR A 123 5.56 -23.41 7.20
C TYR A 123 6.18 -22.36 8.12
N ILE A 124 5.33 -21.58 8.78
CA ILE A 124 5.77 -20.54 9.71
C ILE A 124 4.58 -20.07 10.56
N ALA A 125 4.88 -19.71 11.81
CA ALA A 125 3.82 -19.37 12.77
C ALA A 125 4.33 -18.45 13.87
N LEU A 126 3.40 -17.69 14.46
CA LEU A 126 3.73 -16.69 15.45
C LEU A 126 3.50 -17.21 16.84
N LYS A 127 4.56 -17.20 17.67
CA LYS A 127 4.51 -17.73 19.03
C LYS A 127 3.54 -16.98 19.97
N GLU A 128 3.46 -17.43 21.23
CA GLU A 128 2.45 -16.91 22.14
C GLU A 128 2.73 -15.48 22.53
N ASP A 129 4.01 -15.13 22.60
CA ASP A 129 4.44 -13.78 22.99
C ASP A 129 4.19 -12.78 21.87
N LEU A 130 4.08 -13.29 20.64
CA LEU A 130 3.87 -12.46 19.45
C LEU A 130 5.06 -11.54 19.19
N ARG A 131 6.28 -12.10 19.28
CA ARG A 131 7.50 -11.35 19.07
C ARG A 131 8.47 -12.13 18.19
N SER A 132 8.18 -13.41 18.01
CA SER A 132 9.11 -14.31 17.34
C SER A 132 8.41 -15.36 16.49
N TRP A 133 9.17 -16.04 15.65
CA TRP A 133 8.61 -16.95 14.67
C TRP A 133 9.15 -18.37 14.82
N THR A 134 8.39 -19.34 14.30
CA THR A 134 8.80 -20.74 14.26
C THR A 134 8.91 -21.19 12.82
N ALA A 135 10.12 -21.58 12.41
CA ALA A 135 10.43 -21.95 11.04
C ALA A 135 10.36 -23.47 10.82
N ALA A 136 9.43 -23.88 9.95
CA ALA A 136 9.25 -25.30 9.67
C ALA A 136 10.46 -25.91 8.94
N ASP A 137 11.14 -25.10 8.14
CA ASP A 137 12.30 -25.54 7.37
C ASP A 137 13.20 -24.36 7.01
N MET A 138 14.11 -24.58 6.06
CA MET A 138 15.10 -23.56 5.72
C MET A 138 14.49 -22.50 4.83
N ALA A 139 13.47 -22.87 4.07
CA ALA A 139 12.75 -21.89 3.24
C ALA A 139 11.89 -21.01 4.13
N ALA A 140 11.22 -21.61 5.11
CA ALA A 140 10.46 -20.83 6.07
C ALA A 140 11.39 -19.98 6.92
N GLN A 141 12.67 -20.28 6.86
CA GLN A 141 13.67 -19.56 7.63
C GLN A 141 13.95 -18.23 6.93
N THR A 142 13.82 -18.24 5.60
CA THR A 142 14.08 -17.04 4.81
C THR A 142 12.98 -16.03 5.04
N THR A 143 11.77 -16.55 5.26
CA THR A 143 10.61 -15.72 5.49
C THR A 143 10.64 -15.13 6.89
N LYS A 144 11.19 -15.91 7.82
CA LYS A 144 11.44 -15.47 9.18
C LYS A 144 12.45 -14.32 9.21
N HIS A 145 13.52 -14.42 8.43
CA HIS A 145 14.50 -13.34 8.42
C HIS A 145 13.93 -12.11 7.73
N LYS A 146 13.24 -12.34 6.62
CA LYS A 146 12.63 -11.25 5.87
C LYS A 146 11.62 -10.57 6.76
N TRP A 147 10.76 -11.39 7.38
CA TRP A 147 9.64 -10.89 8.16
C TRP A 147 10.11 -10.15 9.39
N GLU A 148 11.27 -10.55 9.91
CA GLU A 148 11.85 -9.91 11.08
C GLU A 148 12.28 -8.48 10.75
N ALA A 149 12.94 -8.33 9.60
CA ALA A 149 13.40 -7.02 9.16
C ALA A 149 12.23 -6.17 8.70
N ALA A 150 11.14 -6.81 8.30
CA ALA A 150 9.95 -6.08 7.89
C ALA A 150 9.12 -5.77 9.13
N HIS A 151 9.60 -6.22 10.30
CA HIS A 151 8.93 -6.03 11.59
C HIS A 151 7.47 -6.45 11.55
N VAL A 152 7.19 -7.62 10.97
CA VAL A 152 5.80 -8.04 10.76
C VAL A 152 5.11 -8.44 12.06
N ALA A 153 5.87 -9.02 12.99
CA ALA A 153 5.31 -9.47 14.27
C ALA A 153 4.87 -8.30 15.14
N GLU A 154 5.60 -7.19 15.05
CA GLU A 154 5.25 -5.97 15.78
C GLU A 154 3.90 -5.46 15.35
N GLN A 155 3.71 -5.35 14.03
CA GLN A 155 2.45 -4.92 13.45
C GLN A 155 1.37 -5.92 13.77
N LEU A 156 1.76 -7.16 14.03
CA LEU A 156 0.80 -8.19 14.39
C LEU A 156 0.33 -8.03 15.84
N ARG A 157 1.29 -7.89 16.75
CA ARG A 157 0.95 -7.65 18.15
C ARG A 157 -0.10 -6.53 18.24
N ALA A 158 0.25 -5.36 17.71
CA ALA A 158 -0.65 -4.20 17.74
C ALA A 158 -2.08 -4.53 17.32
N TYR A 159 -2.25 -5.15 16.15
CA TYR A 159 -3.59 -5.50 15.68
C TYR A 159 -4.23 -6.58 16.55
N LEU A 160 -3.47 -7.61 16.89
CA LEU A 160 -4.01 -8.75 17.63
C LEU A 160 -4.51 -8.35 19.02
N GLU A 161 -3.92 -7.28 19.57
CA GLU A 161 -4.30 -6.78 20.90
C GLU A 161 -5.25 -5.58 20.81
N GLY A 162 -5.07 -4.77 19.77
CA GLY A 162 -5.91 -3.60 19.56
C GLY A 162 -7.18 -3.94 18.82
N THR A 163 -7.16 -3.77 17.50
CA THR A 163 -8.36 -3.95 16.66
C THR A 163 -9.01 -5.33 16.79
N CYS A 164 -8.19 -6.38 16.80
CA CYS A 164 -8.71 -7.74 16.79
C CYS A 164 -9.71 -7.95 17.92
N VAL A 165 -9.33 -7.51 19.11
CA VAL A 165 -10.16 -7.67 20.29
C VAL A 165 -11.26 -6.61 20.32
N GLU A 166 -10.87 -5.35 20.36
CA GLU A 166 -11.81 -4.23 20.34
C GLU A 166 -13.04 -4.54 19.51
N TRP A 167 -12.88 -5.33 18.44
CA TRP A 167 -14.00 -5.63 17.55
C TRP A 167 -14.72 -6.92 17.92
N LEU A 168 -13.98 -7.95 18.29
CA LEU A 168 -14.60 -9.14 18.86
C LEU A 168 -15.66 -8.65 19.84
N ARG A 169 -15.21 -7.93 20.87
CA ARG A 169 -16.10 -7.33 21.87
C ARG A 169 -17.29 -6.65 21.22
N ARG A 170 -17.01 -5.85 20.18
CA ARG A 170 -18.06 -5.13 19.48
C ARG A 170 -19.10 -6.12 18.98
N TYR A 171 -18.65 -7.07 18.15
CA TYR A 171 -19.53 -8.08 17.58
C TYR A 171 -20.32 -8.81 18.67
N LEU A 172 -19.66 -9.14 19.78
CA LEU A 172 -20.31 -9.83 20.88
C LEU A 172 -21.49 -9.02 21.42
N GLU A 173 -21.27 -7.71 21.56
CA GLU A 173 -22.33 -6.80 22.01
C GLU A 173 -23.44 -6.70 20.97
N ASN A 174 -23.05 -6.67 19.69
CA ASN A 174 -24.00 -6.55 18.58
C ASN A 174 -24.94 -7.74 18.45
N GLY A 175 -24.42 -8.94 18.64
CA GLY A 175 -25.20 -10.16 18.43
C GLY A 175 -25.27 -11.06 19.65
N LYS A 176 -25.52 -10.45 20.80
CA LYS A 176 -25.61 -11.15 22.09
C LYS A 176 -26.63 -12.30 22.11
N GLU A 177 -27.76 -12.11 21.43
CA GLU A 177 -28.87 -13.08 21.47
C GLU A 177 -28.55 -14.48 20.94
N THR A 178 -27.56 -14.60 20.05
CA THR A 178 -27.20 -15.91 19.48
C THR A 178 -25.77 -16.34 19.79
N LEU A 179 -24.85 -15.39 19.70
CA LEU A 179 -23.44 -15.69 19.93
C LEU A 179 -23.17 -16.00 21.41
N GLN A 180 -23.82 -15.25 22.28
CA GLN A 180 -23.67 -15.41 23.71
C GLN A 180 -24.72 -16.37 24.26
N ARG A 181 -25.57 -16.87 23.37
CA ARG A 181 -26.56 -17.88 23.76
C ARG A 181 -26.04 -19.29 23.48
N THR A 182 -25.92 -20.07 24.55
CA THR A 182 -25.50 -21.47 24.45
C THR A 182 -26.69 -22.42 24.55
N ASP A 183 -26.85 -23.29 23.55
CA ASP A 183 -27.93 -24.28 23.55
C ASP A 183 -27.57 -25.51 24.38
N ALA A 184 -28.54 -26.38 24.59
CA ALA A 184 -28.35 -27.58 25.40
C ALA A 184 -28.30 -28.84 24.54
N PRO A 185 -27.49 -29.83 24.95
CA PRO A 185 -27.40 -31.10 24.23
C PRO A 185 -28.55 -32.05 24.55
N LYS A 186 -29.55 -32.07 23.66
CA LYS A 186 -30.67 -33.00 23.75
C LYS A 186 -30.22 -34.43 23.40
N THR A 187 -29.91 -35.21 24.42
CA THR A 187 -29.28 -36.51 24.23
C THR A 187 -30.25 -37.70 24.32
N HIS A 188 -29.90 -38.78 23.62
CA HIS A 188 -30.69 -40.02 23.63
C HIS A 188 -29.81 -41.23 23.27
N MET A 189 -30.32 -42.44 23.49
CA MET A 189 -29.56 -43.65 23.19
C MET A 189 -30.28 -44.60 22.24
N THR A 190 -29.52 -45.49 21.60
CA THR A 190 -30.08 -46.53 20.73
C THR A 190 -29.38 -47.88 20.98
N HIS A 191 -29.78 -48.90 20.22
CA HIS A 191 -29.33 -50.27 20.45
C HIS A 191 -29.61 -51.12 19.21
N HIS A 192 -28.57 -51.62 18.56
CA HIS A 192 -28.74 -52.31 17.29
C HIS A 192 -28.23 -53.75 17.23
N ALA A 193 -28.98 -54.60 16.53
CA ALA A 193 -28.67 -56.02 16.39
C ALA A 193 -27.70 -56.27 15.24
N VAL A 194 -26.43 -56.50 15.58
CA VAL A 194 -25.38 -56.69 14.58
C VAL A 194 -25.31 -58.15 14.11
N SER A 195 -25.74 -59.07 14.97
CA SER A 195 -25.75 -60.50 14.67
C SER A 195 -26.73 -61.25 15.57
N ASP A 196 -26.34 -62.44 16.01
CA ASP A 196 -27.16 -63.23 16.94
C ASP A 196 -26.42 -63.50 18.26
N HIS A 197 -25.60 -62.55 18.68
CA HIS A 197 -24.76 -62.71 19.86
C HIS A 197 -24.30 -61.37 20.43
N GLU A 198 -24.22 -60.35 19.57
CA GLU A 198 -23.64 -59.07 19.99
C GLU A 198 -24.50 -57.84 19.62
N ALA A 199 -24.47 -56.84 20.50
CA ALA A 199 -25.24 -55.60 20.31
C ALA A 199 -24.32 -54.36 20.33
N THR A 200 -24.94 -53.18 20.20
CA THR A 200 -24.17 -51.94 20.03
C THR A 200 -24.35 -50.90 21.15
N LEU A 201 -25.44 -50.14 21.10
CA LEU A 201 -25.65 -48.99 21.99
C LEU A 201 -24.90 -47.77 21.49
N ARG A 202 -25.63 -46.83 20.89
CA ARG A 202 -25.06 -45.58 20.40
C ARG A 202 -25.63 -44.42 21.20
N CYS A 203 -24.74 -43.54 21.65
CA CYS A 203 -25.13 -42.46 22.57
C CYS A 203 -25.06 -41.10 21.88
N TRP A 204 -26.21 -40.44 21.78
CA TRP A 204 -26.33 -39.22 20.95
C TRP A 204 -26.31 -37.90 21.71
N ALA A 205 -26.21 -36.82 20.94
CA ALA A 205 -26.15 -35.45 21.45
C ALA A 205 -26.44 -34.50 20.29
N LEU A 206 -27.57 -33.81 20.34
CA LEU A 206 -28.05 -33.05 19.18
C LEU A 206 -28.44 -31.60 19.50
N SER A 207 -28.57 -30.81 18.44
CA SER A 207 -28.92 -29.39 18.55
C SER A 207 -28.27 -28.65 19.73
N PHE A 208 -26.95 -28.72 19.83
CA PHE A 208 -26.25 -28.00 20.88
C PHE A 208 -25.29 -26.93 20.35
N TYR A 209 -24.77 -26.12 21.27
CA TYR A 209 -23.90 -25.00 20.96
C TYR A 209 -23.28 -24.49 22.27
N PRO A 210 -21.95 -24.29 22.31
CA PRO A 210 -20.99 -24.43 21.22
C PRO A 210 -20.61 -25.88 20.93
N ALA A 211 -19.65 -26.08 20.04
CA ALA A 211 -19.31 -27.40 19.53
C ALA A 211 -18.47 -28.24 20.50
N GLU A 212 -17.98 -27.64 21.56
CA GLU A 212 -17.18 -28.36 22.53
C GLU A 212 -18.06 -29.27 23.38
N ILE A 213 -17.71 -30.55 23.44
CA ILE A 213 -18.53 -31.55 24.13
C ILE A 213 -17.70 -32.79 24.45
N THR A 214 -18.24 -33.66 25.30
CA THR A 214 -17.54 -34.89 25.66
C THR A 214 -18.52 -36.02 25.99
N LEU A 215 -18.17 -37.23 25.53
CA LEU A 215 -18.99 -38.42 25.76
C LEU A 215 -18.19 -39.72 25.82
N THR A 216 -18.53 -40.59 26.77
CA THR A 216 -17.89 -41.91 26.87
C THR A 216 -18.74 -42.87 27.72
N TRP A 217 -18.17 -44.02 28.04
CA TRP A 217 -18.83 -44.99 28.91
C TRP A 217 -17.83 -45.51 29.95
N GLN A 218 -18.32 -46.32 30.89
CA GLN A 218 -17.47 -46.90 31.93
C GLN A 218 -18.06 -48.16 32.57
N ARG A 219 -17.19 -49.14 32.81
CA ARG A 219 -17.55 -50.36 33.53
C ARG A 219 -16.90 -50.33 34.92
N ASP A 220 -17.68 -49.94 35.92
CA ASP A 220 -17.17 -49.82 37.30
C ASP A 220 -16.36 -48.52 37.45
N GLY A 221 -16.81 -47.46 36.78
CA GLY A 221 -16.09 -46.20 36.79
C GLY A 221 -14.86 -46.26 35.90
N GLU A 222 -14.35 -47.48 35.71
CA GLU A 222 -13.20 -47.73 34.85
C GLU A 222 -13.62 -47.59 33.37
N ASP A 223 -13.36 -46.41 32.81
CA ASP A 223 -13.72 -46.08 31.44
C ASP A 223 -13.26 -47.15 30.44
N GLN A 224 -14.12 -47.47 29.48
CA GLN A 224 -13.89 -48.57 28.55
C GLN A 224 -13.05 -48.18 27.33
N THR A 225 -13.48 -47.14 26.63
CA THR A 225 -12.82 -46.64 25.42
C THR A 225 -12.23 -47.71 24.48
N GLN A 226 -12.62 -48.97 24.67
CA GLN A 226 -12.28 -50.02 23.72
C GLN A 226 -13.52 -50.42 22.93
N ASP A 227 -13.32 -50.88 21.69
CA ASP A 227 -14.42 -51.26 20.81
C ASP A 227 -15.44 -50.12 20.69
N THR A 228 -15.02 -49.01 20.09
CA THR A 228 -15.85 -47.82 19.99
C THR A 228 -15.73 -47.15 18.62
N GLU A 229 -16.33 -45.96 18.49
CA GLU A 229 -16.17 -45.12 17.32
C GLU A 229 -16.74 -43.72 17.59
N LEU A 230 -15.89 -42.84 18.11
CA LEU A 230 -16.30 -41.48 18.42
C LEU A 230 -16.11 -40.58 17.21
N VAL A 231 -17.16 -40.45 16.41
CA VAL A 231 -17.14 -39.66 15.18
C VAL A 231 -16.94 -38.17 15.45
N GLU A 232 -16.48 -37.45 14.44
CA GLU A 232 -16.28 -36.00 14.55
C GLU A 232 -17.60 -35.23 14.63
N THR A 233 -17.55 -34.10 15.32
CA THR A 233 -18.70 -33.22 15.46
C THR A 233 -19.16 -32.71 14.09
N ARG A 234 -20.46 -32.79 13.85
CA ARG A 234 -21.01 -32.38 12.58
C ARG A 234 -22.00 -31.22 12.73
N PRO A 235 -21.88 -30.22 11.86
CA PRO A 235 -22.81 -29.09 11.88
C PRO A 235 -24.21 -29.53 11.47
N ALA A 236 -25.23 -28.96 12.11
CA ALA A 236 -26.60 -29.27 11.73
C ALA A 236 -26.97 -28.49 10.47
N GLY A 237 -26.54 -27.23 10.43
CA GLY A 237 -26.84 -26.36 9.29
C GLY A 237 -27.58 -25.12 9.75
N ASP A 238 -27.86 -25.07 11.04
CA ASP A 238 -28.65 -23.97 11.62
C ASP A 238 -27.92 -23.36 12.78
N GLY A 239 -26.62 -23.67 12.88
CA GLY A 239 -25.78 -23.15 13.95
C GLY A 239 -25.59 -24.15 15.07
N THR A 240 -26.24 -25.30 14.97
CA THR A 240 -26.11 -26.33 15.99
C THR A 240 -25.26 -27.50 15.51
N PHE A 241 -24.80 -28.32 16.47
CA PHE A 241 -23.87 -29.40 16.17
C PHE A 241 -24.37 -30.72 16.73
N GLN A 242 -23.72 -31.81 16.32
CA GLN A 242 -24.10 -33.16 16.73
C GLN A 242 -22.85 -34.01 17.01
N LYS A 243 -23.01 -35.13 17.70
CA LYS A 243 -21.92 -36.07 17.93
C LYS A 243 -22.47 -37.36 18.55
N TRP A 244 -21.76 -38.47 18.36
CA TRP A 244 -22.11 -39.70 19.05
C TRP A 244 -20.93 -40.61 19.35
N VAL A 245 -21.10 -41.40 20.41
CA VAL A 245 -20.13 -42.40 20.82
C VAL A 245 -20.83 -43.76 20.81
N ALA A 246 -20.12 -44.79 20.35
CA ALA A 246 -20.70 -46.12 20.29
C ALA A 246 -19.80 -47.13 20.98
N VAL A 247 -20.38 -48.29 21.30
CA VAL A 247 -19.65 -49.35 21.99
C VAL A 247 -20.14 -50.72 21.52
N VAL A 248 -19.32 -51.74 21.70
CA VAL A 248 -19.71 -53.10 21.39
C VAL A 248 -20.01 -53.83 22.70
N VAL A 249 -21.14 -54.53 22.73
CA VAL A 249 -21.58 -55.19 23.96
C VAL A 249 -22.26 -56.54 23.71
N PRO A 250 -22.00 -57.52 24.59
CA PRO A 250 -22.79 -58.74 24.63
C PRO A 250 -24.25 -58.43 24.99
N SER A 251 -25.19 -58.94 24.22
CA SER A 251 -26.62 -58.61 24.39
C SER A 251 -27.14 -58.94 25.80
N GLY A 252 -26.34 -59.66 26.58
CA GLY A 252 -26.66 -59.95 27.98
C GLY A 252 -26.05 -58.89 28.89
N GLN A 253 -24.72 -58.89 28.98
CA GLN A 253 -24.00 -57.89 29.78
C GLN A 253 -24.04 -56.53 29.09
N GLU A 254 -24.80 -55.60 29.64
CA GLU A 254 -24.90 -54.25 29.08
C GLU A 254 -24.97 -53.19 30.16
N GLN A 255 -25.80 -53.46 31.17
CA GLN A 255 -26.15 -52.46 32.19
C GLN A 255 -25.01 -52.12 33.15
N ARG A 256 -23.78 -52.34 32.70
CA ARG A 256 -22.62 -52.03 33.54
C ARG A 256 -21.90 -50.82 33.00
N TYR A 257 -22.39 -50.31 31.88
CA TYR A 257 -21.81 -49.14 31.22
C TYR A 257 -22.81 -47.99 31.19
N THR A 258 -22.34 -46.78 31.48
CA THR A 258 -23.18 -45.59 31.39
C THR A 258 -22.80 -44.77 30.17
N CYS A 259 -23.19 -43.49 30.16
CA CYS A 259 -22.77 -42.57 29.12
C CYS A 259 -22.61 -41.15 29.64
N HIS A 260 -21.36 -40.68 29.70
CA HIS A 260 -21.06 -39.33 30.18
C HIS A 260 -21.26 -38.28 29.09
N VAL A 261 -21.59 -37.06 29.51
CA VAL A 261 -21.76 -35.94 28.59
C VAL A 261 -21.40 -34.63 29.28
N GLN A 262 -20.63 -33.78 28.61
CA GLN A 262 -20.31 -32.45 29.15
C GLN A 262 -20.62 -31.32 28.17
N HIS A 263 -20.94 -30.15 28.71
CA HIS A 263 -21.36 -29.00 27.89
C HIS A 263 -21.75 -27.80 28.76
N GLU A 264 -21.46 -26.60 28.26
CA GLU A 264 -21.83 -25.36 28.93
C GLU A 264 -23.33 -25.35 29.25
N GLY A 265 -24.14 -25.64 28.24
CA GLY A 265 -25.60 -25.64 28.33
C GLY A 265 -26.21 -25.91 29.71
N LEU A 266 -25.99 -27.11 30.22
CA LEU A 266 -26.48 -27.50 31.54
C LEU A 266 -25.34 -27.92 32.47
N PRO A 267 -25.37 -27.45 33.73
CA PRO A 267 -24.37 -27.73 34.77
C PRO A 267 -23.97 -29.21 34.94
N LYS A 268 -24.75 -29.97 35.72
CA LYS A 268 -24.38 -31.35 36.06
C LYS A 268 -23.99 -32.22 34.85
N PRO A 269 -22.77 -32.80 34.90
CA PRO A 269 -22.26 -33.76 33.91
C PRO A 269 -23.20 -34.94 33.66
N LEU A 270 -24.30 -34.69 32.98
CA LEU A 270 -25.33 -35.69 32.68
C LEU A 270 -24.76 -37.07 32.31
N THR A 271 -25.30 -38.11 32.94
CA THR A 271 -24.93 -39.50 32.65
C THR A 271 -26.16 -40.28 32.18
N LEU A 272 -25.94 -41.32 31.36
CA LEU A 272 -27.03 -42.08 30.74
C LEU A 272 -26.90 -43.60 30.84
N ARG A 273 -27.96 -44.25 31.31
CA ARG A 273 -28.06 -45.71 31.24
C ARG A 273 -29.19 -46.13 30.29
N TRP A 274 -29.09 -47.34 29.76
CA TRP A 274 -30.00 -47.80 28.70
C TRP A 274 -31.33 -48.34 29.22
N ASN B 1 -13.06 -7.34 11.98
CA ASN B 1 -12.09 -6.44 11.33
C ASN B 1 -10.80 -7.14 10.92
N LEU B 2 -10.47 -7.08 9.63
CA LEU B 2 -9.27 -7.73 9.12
C LEU B 2 -8.02 -6.95 9.49
N VAL B 3 -6.88 -7.65 9.50
CA VAL B 3 -5.60 -6.95 9.58
C VAL B 3 -5.53 -6.10 8.31
N PRO B 4 -5.08 -4.85 8.44
CA PRO B 4 -5.00 -4.01 7.24
C PRO B 4 -4.02 -4.52 6.19
N MET B 5 -2.96 -5.20 6.61
CA MET B 5 -1.94 -5.61 5.66
C MET B 5 -1.29 -6.90 6.09
N VAL B 6 -1.14 -7.77 5.11
CA VAL B 6 -0.44 -9.03 5.29
C VAL B 6 0.75 -8.99 4.34
N ALA B 7 1.96 -9.08 4.88
CA ALA B 7 3.16 -8.98 4.04
C ALA B 7 3.48 -10.32 3.43
N THR B 8 4.06 -10.28 2.23
CA THR B 8 4.43 -11.48 1.47
C THR B 8 5.47 -12.34 2.16
N VAL B 9 5.47 -13.63 1.81
CA VAL B 9 6.48 -14.55 2.34
C VAL B 9 7.78 -14.46 1.55
N MET C 1 4.16 -31.31 0.46
CA MET C 1 3.06 -31.92 -0.35
C MET C 1 2.38 -33.05 0.43
N ILE C 2 1.23 -32.74 1.01
CA ILE C 2 0.46 -33.73 1.76
C ILE C 2 -0.92 -33.89 1.13
N GLN C 3 -1.33 -35.14 0.92
CA GLN C 3 -2.65 -35.40 0.39
C GLN C 3 -3.44 -36.30 1.33
N ARG C 4 -4.61 -35.82 1.73
CA ARG C 4 -5.43 -36.54 2.70
C ARG C 4 -6.79 -36.91 2.13
N THR C 5 -7.38 -37.95 2.69
CA THR C 5 -8.65 -38.50 2.17
C THR C 5 -9.81 -38.05 3.04
N PRO C 6 -10.95 -37.73 2.41
CA PRO C 6 -12.11 -37.23 3.12
C PRO C 6 -12.75 -38.30 4.01
N LYS C 7 -13.42 -37.83 5.05
CA LYS C 7 -14.31 -38.66 5.83
C LYS C 7 -15.70 -38.16 5.48
N ILE C 8 -16.67 -39.06 5.35
CA ILE C 8 -18.00 -38.67 4.87
C ILE C 8 -19.07 -39.04 5.89
N GLN C 9 -19.97 -38.10 6.15
CA GLN C 9 -21.12 -38.38 7.00
C GLN C 9 -22.41 -37.88 6.39
N VAL C 10 -23.37 -38.79 6.23
CA VAL C 10 -24.69 -38.43 5.70
C VAL C 10 -25.75 -38.59 6.78
N TYR C 11 -26.44 -37.51 7.07
CA TYR C 11 -27.35 -37.47 8.19
C TYR C 11 -28.42 -36.43 7.97
N SER C 12 -29.50 -36.51 8.75
CA SER C 12 -30.54 -35.51 8.73
C SER C 12 -30.10 -34.36 9.62
N ARG C 13 -30.97 -33.38 9.82
CA ARG C 13 -30.66 -32.28 10.72
C ARG C 13 -31.30 -32.51 12.09
N HIS C 14 -32.59 -32.82 12.09
CA HIS C 14 -33.35 -33.03 13.31
C HIS C 14 -33.43 -34.52 13.60
N PRO C 15 -34.61 -34.99 14.07
CA PRO C 15 -34.79 -36.43 14.25
C PRO C 15 -35.20 -37.07 12.94
N ALA C 16 -35.23 -38.40 12.90
CA ALA C 16 -35.66 -39.12 11.69
C ALA C 16 -37.18 -39.27 11.64
N GLU C 17 -37.89 -38.14 11.66
CA GLU C 17 -39.34 -38.15 11.51
C GLU C 17 -39.71 -38.31 10.04
N ASN C 18 -40.37 -39.42 9.74
CA ASN C 18 -40.74 -39.78 8.39
C ASN C 18 -41.84 -38.88 7.80
N GLY C 19 -41.92 -38.85 6.47
CA GLY C 19 -42.94 -38.08 5.76
C GLY C 19 -42.81 -36.57 5.89
N LYS C 20 -42.05 -36.12 6.89
CA LYS C 20 -42.02 -34.71 7.30
C LYS C 20 -41.10 -33.82 6.44
N SER C 21 -40.56 -32.76 7.04
CA SER C 21 -39.71 -31.81 6.31
C SER C 21 -38.42 -31.50 7.06
N ASN C 22 -37.38 -32.29 6.80
CA ASN C 22 -36.08 -32.12 7.44
C ASN C 22 -35.03 -31.69 6.41
N PHE C 23 -33.77 -31.76 6.80
CA PHE C 23 -32.65 -31.36 5.95
C PHE C 23 -31.66 -32.51 5.82
N LEU C 24 -31.20 -32.75 4.59
CA LEU C 24 -30.24 -33.83 4.35
C LEU C 24 -28.81 -33.31 4.25
N ASN C 25 -27.94 -33.83 5.11
CA ASN C 25 -26.58 -33.31 5.24
C ASN C 25 -25.48 -34.28 4.83
N CYS C 26 -24.50 -33.77 4.07
CA CYS C 26 -23.29 -34.51 3.75
C CYS C 26 -22.06 -33.72 4.18
N TYR C 27 -21.58 -33.98 5.39
CA TYR C 27 -20.41 -33.29 5.96
C TYR C 27 -19.14 -34.05 5.61
N VAL C 28 -18.29 -33.43 4.80
CA VAL C 28 -17.05 -34.08 4.40
C VAL C 28 -15.84 -33.29 4.83
N SER C 29 -14.96 -33.93 5.60
CA SER C 29 -13.85 -33.24 6.22
C SER C 29 -12.54 -34.03 6.13
N GLY C 30 -11.47 -33.43 6.65
CA GLY C 30 -10.18 -34.09 6.84
C GLY C 30 -9.44 -34.42 5.57
N PHE C 31 -9.64 -33.61 4.53
CA PHE C 31 -9.09 -33.91 3.21
C PHE C 31 -8.17 -32.81 2.65
N HIS C 32 -7.20 -33.24 1.85
CA HIS C 32 -6.28 -32.35 1.16
C HIS C 32 -5.99 -32.95 -0.21
N PRO C 33 -6.10 -32.15 -1.29
CA PRO C 33 -6.35 -30.71 -1.41
C PRO C 33 -7.81 -30.29 -1.35
N SER C 34 -8.02 -29.00 -1.59
CA SER C 34 -9.31 -28.36 -1.40
C SER C 34 -10.34 -28.69 -2.48
N ASP C 35 -9.89 -29.23 -3.60
CA ASP C 35 -10.78 -29.57 -4.71
C ASP C 35 -11.51 -30.87 -4.42
N ILE C 36 -12.83 -30.83 -4.53
CA ILE C 36 -13.67 -31.95 -4.13
C ILE C 36 -15.06 -31.79 -4.72
N GLU C 37 -15.55 -32.81 -5.42
CA GLU C 37 -16.92 -32.76 -5.95
C GLU C 37 -17.86 -33.60 -5.09
N VAL C 38 -18.97 -32.99 -4.68
CA VAL C 38 -19.96 -33.68 -3.87
C VAL C 38 -21.32 -33.66 -4.54
N ASP C 39 -22.07 -34.74 -4.36
CA ASP C 39 -23.42 -34.83 -4.90
C ASP C 39 -24.32 -35.56 -3.92
N LEU C 40 -25.58 -35.15 -3.87
CA LEU C 40 -26.58 -35.83 -3.08
C LEU C 40 -27.51 -36.53 -4.06
N LEU C 41 -28.20 -37.58 -3.60
CA LEU C 41 -28.99 -38.41 -4.50
C LEU C 41 -30.31 -38.87 -3.87
N LYS C 42 -31.40 -38.76 -4.62
CA LYS C 42 -32.67 -39.38 -4.22
C LYS C 42 -32.93 -40.61 -5.08
N ASN C 43 -32.74 -41.80 -4.50
CA ASN C 43 -32.80 -43.05 -5.24
C ASN C 43 -31.86 -43.06 -6.45
N GLY C 44 -30.59 -42.74 -6.21
CA GLY C 44 -29.58 -42.74 -7.28
C GLY C 44 -29.80 -41.69 -8.35
N GLU C 45 -30.52 -40.62 -8.01
CA GLU C 45 -30.74 -39.52 -8.94
C GLU C 45 -30.15 -38.23 -8.40
N ARG C 46 -29.43 -37.50 -9.25
CA ARG C 46 -28.70 -36.31 -8.83
C ARG C 46 -29.62 -35.14 -8.47
N ILE C 47 -29.73 -34.86 -7.16
CA ILE C 47 -30.59 -33.79 -6.63
C ILE C 47 -30.27 -32.40 -7.21
N GLU C 48 -31.27 -31.76 -7.80
CA GLU C 48 -31.11 -30.52 -8.59
C GLU C 48 -30.19 -29.46 -7.99
N LYS C 49 -30.77 -28.56 -7.20
CA LYS C 49 -30.00 -27.52 -6.54
C LYS C 49 -29.63 -27.94 -5.13
N VAL C 50 -28.36 -27.77 -4.79
CA VAL C 50 -27.85 -28.08 -3.47
C VAL C 50 -27.07 -26.87 -2.99
N GLU C 51 -27.16 -26.59 -1.69
CA GLU C 51 -26.32 -25.56 -1.09
C GLU C 51 -25.09 -26.21 -0.47
N HIS C 52 -24.00 -25.44 -0.33
CA HIS C 52 -22.84 -25.89 0.41
C HIS C 52 -22.14 -24.70 1.08
N SER C 53 -21.60 -24.91 2.27
CA SER C 53 -21.05 -23.83 3.08
C SER C 53 -19.67 -23.36 2.60
N ASP C 54 -19.25 -22.20 3.08
CA ASP C 54 -17.98 -21.62 2.69
C ASP C 54 -16.78 -22.45 3.18
N LEU C 55 -15.95 -22.87 2.23
CA LEU C 55 -14.75 -23.68 2.52
C LEU C 55 -13.98 -23.14 3.71
N SER C 56 -13.69 -24.02 4.67
CA SER C 56 -12.86 -23.67 5.82
C SER C 56 -11.85 -24.78 6.08
N PHE C 57 -11.22 -24.77 7.26
CA PHE C 57 -10.25 -25.81 7.58
C PHE C 57 -9.86 -25.86 9.06
N SER C 58 -9.50 -27.06 9.52
CA SER C 58 -9.22 -27.29 10.94
C SER C 58 -7.74 -27.15 11.34
N LYS C 59 -7.47 -27.40 12.61
CA LYS C 59 -6.19 -27.06 13.23
C LYS C 59 -4.97 -27.71 12.58
N ASP C 60 -5.16 -28.90 12.03
CA ASP C 60 -4.09 -29.59 11.31
C ASP C 60 -4.06 -29.16 9.85
N TRP C 61 -4.72 -28.04 9.55
CA TRP C 61 -4.74 -27.47 8.20
C TRP C 61 -5.63 -28.23 7.20
N SER C 62 -6.37 -29.22 7.69
CA SER C 62 -7.22 -30.06 6.85
C SER C 62 -8.56 -29.40 6.55
N PHE C 63 -9.18 -29.75 5.43
CA PHE C 63 -10.38 -29.05 4.93
C PHE C 63 -11.70 -29.69 5.36
N TYR C 64 -12.72 -28.88 5.58
CA TYR C 64 -14.07 -29.41 5.78
C TYR C 64 -15.17 -28.66 5.01
N LEU C 65 -16.29 -29.33 4.79
CA LEU C 65 -17.42 -28.75 4.07
C LEU C 65 -18.75 -29.37 4.47
N LEU C 66 -19.81 -28.57 4.41
CA LEU C 66 -21.18 -29.06 4.62
C LEU C 66 -21.93 -29.05 3.30
N TYR C 67 -22.67 -30.12 3.03
CA TYR C 67 -23.48 -30.21 1.81
C TYR C 67 -24.92 -30.54 2.15
N TYR C 68 -25.83 -29.59 1.93
CA TYR C 68 -27.21 -29.73 2.41
C TYR C 68 -28.30 -29.39 1.40
N THR C 69 -29.41 -30.11 1.52
CA THR C 69 -30.60 -29.87 0.71
C THR C 69 -31.86 -30.10 1.53
N GLU C 70 -32.89 -29.29 1.25
CA GLU C 70 -34.20 -29.46 1.87
C GLU C 70 -34.92 -30.59 1.16
N PHE C 71 -35.46 -31.53 1.94
CA PHE C 71 -36.06 -32.72 1.36
C PHE C 71 -37.20 -33.28 2.20
N THR C 72 -38.06 -34.05 1.55
CA THR C 72 -39.17 -34.72 2.21
C THR C 72 -38.92 -36.22 2.22
N PRO C 73 -38.59 -36.75 3.41
CA PRO C 73 -38.25 -38.16 3.59
C PRO C 73 -39.47 -39.06 3.46
N THR C 74 -39.28 -40.25 2.86
CA THR C 74 -40.31 -41.28 2.93
C THR C 74 -39.74 -42.53 3.59
N GLU C 75 -40.63 -43.46 3.95
CA GLU C 75 -40.21 -44.77 4.42
C GLU C 75 -39.84 -45.63 3.22
N LYS C 76 -39.67 -44.96 2.08
CA LYS C 76 -39.41 -45.63 0.81
C LYS C 76 -38.15 -45.09 0.14
N ASP C 77 -37.86 -43.81 0.37
CA ASP C 77 -36.82 -43.10 -0.38
C ASP C 77 -35.40 -43.58 -0.15
N GLU C 78 -34.51 -43.20 -1.06
CA GLU C 78 -33.12 -43.62 -1.02
C GLU C 78 -32.23 -42.41 -1.16
N TYR C 79 -31.44 -42.12 -0.14
CA TYR C 79 -30.53 -40.99 -0.19
C TYR C 79 -29.08 -41.39 0.04
N ALA C 80 -28.16 -40.76 -0.68
CA ALA C 80 -26.74 -41.03 -0.54
C ALA C 80 -25.87 -39.84 -0.98
N CYS C 81 -24.55 -40.01 -0.87
CA CYS C 81 -23.59 -38.99 -1.28
C CYS C 81 -22.61 -39.57 -2.31
N ARG C 82 -22.23 -38.76 -3.30
CA ARG C 82 -21.28 -39.23 -4.31
C ARG C 82 -20.08 -38.31 -4.38
N VAL C 83 -19.10 -38.62 -3.55
CA VAL C 83 -17.90 -37.82 -3.43
C VAL C 83 -16.81 -38.25 -4.40
N ASN C 84 -16.12 -37.28 -4.99
CA ASN C 84 -14.91 -37.53 -5.75
C ASN C 84 -13.76 -36.65 -5.25
N HIS C 85 -12.54 -37.16 -5.36
CA HIS C 85 -11.36 -36.49 -4.84
C HIS C 85 -10.15 -37.23 -5.38
N VAL C 86 -9.08 -36.48 -5.64
CA VAL C 86 -7.89 -37.02 -6.27
C VAL C 86 -7.26 -38.20 -5.51
N THR C 87 -7.48 -38.25 -4.20
CA THR C 87 -7.00 -39.40 -3.42
C THR C 87 -7.84 -40.67 -3.61
N LEU C 88 -8.98 -40.54 -4.29
CA LEU C 88 -9.84 -41.70 -4.57
C LEU C 88 -9.61 -42.24 -5.98
N SER C 89 -9.75 -43.54 -6.14
CA SER C 89 -9.63 -44.15 -7.46
C SER C 89 -11.02 -44.17 -8.14
N GLN C 90 -12.06 -44.32 -7.33
CA GLN C 90 -13.45 -44.19 -7.77
C GLN C 90 -14.21 -43.34 -6.75
N PRO C 91 -15.31 -42.70 -7.19
CA PRO C 91 -16.14 -41.89 -6.30
C PRO C 91 -16.71 -42.72 -5.15
N LYS C 92 -16.49 -42.27 -3.92
CA LYS C 92 -17.00 -42.97 -2.77
C LYS C 92 -18.51 -42.72 -2.63
N ILE C 93 -19.28 -43.79 -2.56
CA ILE C 93 -20.74 -43.68 -2.38
C ILE C 93 -21.08 -44.03 -0.95
N VAL C 94 -21.91 -43.22 -0.31
CA VAL C 94 -22.31 -43.47 1.07
C VAL C 94 -23.81 -43.37 1.24
N LYS C 95 -24.44 -44.49 1.57
CA LYS C 95 -25.88 -44.55 1.78
C LYS C 95 -26.22 -43.81 3.07
N TRP C 96 -27.38 -43.14 3.10
CA TRP C 96 -27.81 -42.41 4.30
C TRP C 96 -28.60 -43.28 5.27
N ASP C 97 -28.01 -43.52 6.44
CA ASP C 97 -28.64 -44.34 7.45
C ASP C 97 -29.40 -43.47 8.43
N ARG C 98 -30.72 -43.62 8.48
CA ARG C 98 -31.53 -42.83 9.39
C ARG C 98 -31.39 -43.29 10.84
N ASP C 99 -31.93 -44.46 11.14
CA ASP C 99 -31.84 -44.99 12.50
C ASP C 99 -30.44 -45.53 12.79
N MET C 100 -29.49 -44.61 12.93
CA MET C 100 -28.12 -44.97 13.23
C MET C 100 -27.99 -45.50 14.66
N LEU D 1 -8.12 7.23 2.16
CA LEU D 1 -8.61 7.95 0.95
C LEU D 1 -8.16 9.42 0.90
N ASN D 2 -8.29 10.13 2.02
CA ASN D 2 -7.87 11.54 2.07
C ASN D 2 -6.79 11.86 3.11
N VAL D 3 -5.64 12.32 2.62
CA VAL D 3 -4.52 12.66 3.48
C VAL D 3 -4.25 14.16 3.43
N GLU D 4 -4.82 14.88 4.40
CA GLU D 4 -4.66 16.32 4.50
C GLU D 4 -3.27 16.66 5.04
N GLN D 5 -2.64 17.68 4.47
CA GLN D 5 -1.33 18.15 4.92
C GLN D 5 -1.35 19.67 5.06
N SER D 6 -0.98 20.16 6.23
CA SER D 6 -1.12 21.59 6.56
C SER D 6 0.00 22.08 7.48
N PRO D 7 0.45 23.34 7.29
CA PRO D 7 0.04 24.29 6.25
C PRO D 7 0.65 23.90 4.92
N GLN D 8 0.19 24.52 3.84
CA GLN D 8 0.69 24.14 2.53
C GLN D 8 2.12 24.64 2.34
N SER D 9 2.36 25.88 2.72
CA SER D 9 3.64 26.52 2.46
C SER D 9 4.02 27.42 3.63
N LEU D 10 5.28 27.35 4.03
CA LEU D 10 5.77 28.24 5.08
C LEU D 10 7.25 28.61 4.91
N HIS D 11 7.51 29.89 5.06
CA HIS D 11 8.87 30.38 5.09
C HIS D 11 9.18 30.62 6.55
N VAL D 12 10.35 30.15 6.98
CA VAL D 12 10.81 30.41 8.33
C VAL D 12 12.27 30.78 8.28
N GLN D 13 12.72 31.49 9.31
CA GLN D 13 14.10 31.93 9.38
C GLN D 13 15.00 30.75 9.59
N GLU D 14 16.27 30.91 9.22
CA GLU D 14 17.31 29.98 9.60
C GLU D 14 17.38 30.02 11.11
N GLY D 15 17.63 28.86 11.73
CA GLY D 15 17.78 28.78 13.18
C GLY D 15 16.48 28.78 13.95
N ASP D 16 15.36 28.99 13.25
CA ASP D 16 14.03 28.90 13.86
C ASP D 16 13.55 27.45 13.92
N SER D 17 12.36 27.24 14.47
CA SER D 17 11.82 25.90 14.61
C SER D 17 10.35 25.84 14.26
N THR D 18 10.01 25.16 13.17
CA THR D 18 8.61 24.87 12.86
C THR D 18 8.21 23.48 13.31
N ASN D 19 7.03 23.07 12.87
CA ASN D 19 6.46 21.79 13.20
C ASN D 19 5.12 21.62 12.50
N PHE D 20 5.18 21.38 11.19
CA PHE D 20 3.97 21.15 10.40
C PHE D 20 3.26 19.85 10.77
N THR D 21 2.26 19.47 9.96
CA THR D 21 1.32 18.43 10.38
C THR D 21 0.69 17.70 9.19
N CYS D 22 0.27 16.46 9.45
CA CYS D 22 -0.39 15.61 8.45
C CYS D 22 -1.41 14.77 9.13
N SER D 23 -2.68 14.93 8.78
CA SER D 23 -3.72 14.13 9.43
C SER D 23 -4.45 13.22 8.43
N PHE D 24 -4.97 12.11 8.94
CA PHE D 24 -5.51 11.07 8.10
C PHE D 24 -6.59 10.27 8.83
N PRO D 25 -7.49 9.63 8.07
CA PRO D 25 -8.44 8.69 8.65
C PRO D 25 -7.69 7.62 9.43
N SER D 26 -7.97 7.51 10.72
CA SER D 26 -7.32 6.50 11.55
C SER D 26 -7.93 5.13 11.33
N SER D 27 -8.97 5.06 10.50
CA SER D 27 -9.64 3.80 10.26
C SER D 27 -8.83 2.85 9.37
N ASN D 28 -8.24 1.82 9.97
CA ASN D 28 -7.46 0.84 9.23
C ASN D 28 -5.99 1.25 9.07
N PHE D 29 -5.53 2.15 9.92
CA PHE D 29 -4.14 2.55 9.85
C PHE D 29 -3.29 1.30 9.95
N TYR D 30 -2.15 1.29 9.26
CA TYR D 30 -1.17 0.21 9.40
C TYR D 30 0.26 0.75 9.44
N ALA D 31 0.51 1.79 8.66
CA ALA D 31 1.83 2.46 8.66
C ALA D 31 1.74 3.83 8.00
N LEU D 32 2.74 4.65 8.28
CA LEU D 32 2.80 6.02 7.79
C LEU D 32 4.20 6.34 7.30
N HIS D 33 4.30 7.25 6.33
CA HIS D 33 5.58 7.59 5.73
C HIS D 33 5.78 9.10 5.68
N TRP D 34 7.04 9.53 5.75
CA TRP D 34 7.42 10.92 5.60
C TRP D 34 8.56 11.00 4.58
N TYR D 35 8.51 12.01 3.72
CA TYR D 35 9.47 12.14 2.64
C TYR D 35 10.08 13.54 2.57
N ARG D 36 11.40 13.59 2.37
CA ARG D 36 12.01 14.86 2.01
C ARG D 36 12.03 14.95 0.49
N TRP D 37 11.58 16.07 -0.05
CA TRP D 37 11.53 16.20 -1.48
C TRP D 37 12.16 17.52 -1.92
N GLU D 38 13.48 17.49 -2.15
CA GLU D 38 14.22 18.64 -2.64
C GLU D 38 13.58 19.10 -3.94
N THR D 39 13.42 20.41 -4.08
CA THR D 39 12.81 21.01 -5.28
C THR D 39 13.47 20.47 -6.55
N ALA D 40 12.64 20.00 -7.48
CA ALA D 40 13.09 19.47 -8.78
C ALA D 40 13.94 18.20 -8.69
N LYS D 41 13.71 17.40 -7.66
CA LYS D 41 14.39 16.11 -7.52
C LYS D 41 13.43 15.04 -7.01
N SER D 42 13.91 13.80 -6.87
CA SER D 42 13.09 12.67 -6.43
C SER D 42 12.82 12.75 -4.93
N PRO D 43 11.57 12.47 -4.53
CA PRO D 43 11.24 12.36 -3.11
C PRO D 43 12.10 11.28 -2.45
N GLU D 44 12.32 11.41 -1.14
CA GLU D 44 13.23 10.50 -0.46
C GLU D 44 12.73 10.12 0.93
N ALA D 45 12.51 8.83 1.14
CA ALA D 45 11.97 8.31 2.41
C ALA D 45 12.70 8.89 3.62
N LEU D 46 11.94 9.54 4.49
CA LEU D 46 12.48 10.05 5.74
C LEU D 46 12.17 9.09 6.89
N PHE D 47 10.93 9.09 7.35
CA PHE D 47 10.52 8.22 8.45
C PHE D 47 9.52 7.17 8.00
N VAL D 48 9.41 6.11 8.78
CA VAL D 48 8.36 5.10 8.62
C VAL D 48 7.72 4.85 9.99
N MET D 49 6.55 5.44 10.21
CA MET D 49 5.87 5.43 11.51
C MET D 49 4.74 4.39 11.52
N THR D 50 4.67 3.58 12.57
CA THR D 50 3.68 2.51 12.60
C THR D 50 2.86 2.46 13.88
N LEU D 51 3.53 2.41 15.01
CA LEU D 51 2.87 2.19 16.29
C LEU D 51 2.47 3.50 16.94
N ASN D 52 1.40 3.46 17.73
CA ASN D 52 0.91 4.66 18.39
C ASN D 52 1.91 5.18 19.42
N GLY D 53 1.88 6.48 19.64
CA GLY D 53 2.72 7.12 20.66
C GLY D 53 4.21 7.10 20.37
N ASP D 54 4.65 6.33 19.38
CA ASP D 54 6.09 6.22 19.09
C ASP D 54 6.58 7.42 18.30
N GLU D 55 7.75 7.90 18.66
CA GLU D 55 8.24 9.19 18.21
C GLU D 55 9.62 9.08 17.53
N LYS D 56 9.63 8.75 16.24
CA LYS D 56 10.89 8.63 15.49
C LYS D 56 11.57 9.98 15.35
N LYS D 57 12.88 9.98 15.30
CA LYS D 57 13.65 11.22 15.28
C LYS D 57 15.05 11.03 14.72
N LYS D 58 15.33 11.75 13.63
CA LYS D 58 16.61 11.66 12.92
C LYS D 58 17.21 13.04 12.65
N GLY D 59 18.45 13.24 13.08
CA GLY D 59 19.11 14.54 12.93
C GLY D 59 18.35 15.59 13.69
N ARG D 60 18.29 16.80 13.12
CA ARG D 60 17.55 17.92 13.72
C ARG D 60 16.07 17.78 13.43
N ILE D 61 15.65 16.58 13.05
CA ILE D 61 14.26 16.34 12.64
C ILE D 61 13.67 15.17 13.41
N SER D 62 12.36 15.23 13.61
CA SER D 62 11.66 14.22 14.39
C SER D 62 10.24 14.05 13.88
N ALA D 63 9.45 13.24 14.56
CA ALA D 63 8.06 13.06 14.17
C ALA D 63 7.31 12.26 15.21
N THR D 64 6.01 12.57 15.35
CA THR D 64 5.14 11.82 16.23
C THR D 64 3.98 11.25 15.43
N LEU D 65 3.17 10.44 16.09
CA LEU D 65 2.04 9.78 15.46
C LEU D 65 0.94 9.52 16.48
N ASN D 66 -0.24 10.06 16.24
CA ASN D 66 -1.39 9.71 17.04
C ASN D 66 -2.39 8.97 16.17
N THR D 67 -2.33 7.64 16.24
CA THR D 67 -3.13 6.78 15.39
C THR D 67 -4.62 6.75 15.73
N LYS D 68 -5.01 7.35 16.85
CA LYS D 68 -6.41 7.26 17.24
C LYS D 68 -7.26 8.48 16.80
N GLU D 69 -6.65 9.65 16.82
CA GLU D 69 -7.29 10.84 16.28
C GLU D 69 -6.55 11.23 15.00
N GLY D 70 -6.11 10.19 14.28
CA GLY D 70 -5.40 10.33 13.02
C GLY D 70 -4.63 11.60 12.75
N TYR D 71 -3.42 11.69 13.29
CA TYR D 71 -2.52 12.78 12.93
C TYR D 71 -1.04 12.43 13.15
N SER D 72 -0.17 13.24 12.59
CA SER D 72 1.26 13.11 12.79
C SER D 72 1.93 14.46 12.56
N TYR D 73 2.74 14.88 13.52
CA TYR D 73 3.50 16.11 13.38
C TYR D 73 4.89 15.80 12.87
N LEU D 74 5.44 16.71 12.07
CA LEU D 74 6.86 16.65 11.73
C LEU D 74 7.55 17.90 12.26
N TYR D 75 8.32 17.74 13.32
CA TYR D 75 9.03 18.86 13.93
C TYR D 75 10.38 19.02 13.26
N ILE D 76 10.87 20.27 13.22
CA ILE D 76 12.26 20.54 12.87
C ILE D 76 12.87 21.42 13.95
N LYS D 77 13.93 20.94 14.58
CA LYS D 77 14.66 21.71 15.57
C LYS D 77 15.43 22.82 14.85
N GLY D 78 16.53 23.29 15.43
CA GLY D 78 17.31 24.38 14.82
C GLY D 78 17.36 24.16 13.33
N SER D 79 16.61 24.96 12.57
CA SER D 79 16.44 24.69 11.15
C SER D 79 17.49 25.38 10.28
N GLN D 80 17.69 24.81 9.09
CA GLN D 80 18.78 25.20 8.19
C GLN D 80 18.26 25.39 6.78
N PRO D 81 18.96 26.20 5.97
CA PRO D 81 18.63 26.29 4.55
C PRO D 81 18.53 24.91 3.90
N GLU D 82 19.43 24.00 4.25
CA GLU D 82 19.46 22.69 3.62
C GLU D 82 18.14 21.95 3.80
N ASP D 83 17.46 22.23 4.91
CA ASP D 83 16.24 21.52 5.26
C ASP D 83 15.04 22.08 4.49
N SER D 84 15.31 22.94 3.52
CA SER D 84 14.26 23.43 2.65
C SER D 84 13.85 22.31 1.70
N ALA D 85 12.54 22.16 1.48
CA ALA D 85 12.02 21.17 0.55
C ALA D 85 10.55 20.93 0.82
N THR D 86 9.88 20.27 -0.12
CA THR D 86 8.49 19.86 0.08
C THR D 86 8.50 18.54 0.84
N TYR D 87 7.75 18.50 1.95
CA TYR D 87 7.67 17.32 2.78
C TYR D 87 6.32 16.64 2.59
N LEU D 88 6.38 15.37 2.20
CA LEU D 88 5.20 14.58 1.86
C LEU D 88 4.85 13.56 2.95
N CYS D 89 3.64 13.02 2.85
CA CYS D 89 3.05 12.18 3.88
C CYS D 89 2.16 11.14 3.22
N ALA D 90 2.48 9.86 3.43
CA ALA D 90 1.65 8.80 2.87
C ALA D 90 1.13 7.79 3.91
N ARG D 91 -0.09 7.32 3.69
CA ARG D 91 -0.65 6.21 4.48
C ARG D 91 -1.12 5.11 3.55
N ASN D 92 -1.28 3.90 4.09
CA ASN D 92 -1.66 2.73 3.30
C ASN D 92 -3.12 2.71 2.89
N THR D 93 -3.44 1.98 1.82
CA THR D 93 -4.82 1.62 1.53
C THR D 93 -4.89 0.18 1.03
N GLY D 94 -3.93 -0.20 0.20
CA GLY D 94 -3.71 -1.61 -0.13
C GLY D 94 -2.99 -2.19 1.07
N ASN D 95 -1.79 -2.71 0.90
CA ASN D 95 -1.04 -2.79 -0.37
C ASN D 95 -0.75 -1.51 -1.17
N GLN D 96 -1.13 -0.36 -0.65
CA GLN D 96 -0.86 0.89 -1.33
C GLN D 96 -0.53 1.99 -0.36
N PHE D 97 -0.01 3.10 -0.87
CA PHE D 97 0.17 4.30 -0.07
C PHE D 97 -0.37 5.54 -0.79
N TYR D 98 -1.01 6.41 -0.01
CA TYR D 98 -1.61 7.61 -0.56
C TYR D 98 -0.95 8.85 0.00
N PHE D 99 -0.25 9.57 -0.87
CA PHE D 99 0.44 10.79 -0.46
C PHE D 99 -0.56 11.95 -0.27
N GLY D 100 -0.21 12.85 0.64
CA GLY D 100 -1.03 14.03 0.89
C GLY D 100 -0.61 15.16 -0.04
N THR D 101 -1.31 16.28 0.07
CA THR D 101 -1.03 17.46 -0.74
C THR D 101 0.46 17.76 -0.79
N GLY D 102 1.15 17.51 0.32
CA GLY D 102 2.57 17.84 0.46
C GLY D 102 2.74 19.24 0.99
N THR D 103 3.64 19.41 1.96
CA THR D 103 3.91 20.75 2.55
C THR D 103 5.29 21.32 2.17
N SER D 104 5.30 22.30 1.28
CA SER D 104 6.54 22.94 0.84
C SER D 104 7.09 23.95 1.85
N LEU D 105 8.38 23.83 2.15
CA LEU D 105 9.03 24.64 3.19
C LEU D 105 10.28 25.33 2.66
N THR D 106 10.36 26.64 2.87
CA THR D 106 11.56 27.41 2.55
C THR D 106 12.19 27.97 3.81
N VAL D 107 13.51 27.91 3.90
CA VAL D 107 14.25 28.41 5.05
C VAL D 107 15.20 29.55 4.64
N ILE D 108 14.81 30.77 4.96
CA ILE D 108 15.52 31.97 4.51
C ILE D 108 16.75 32.23 5.38
N PRO D 109 17.94 32.17 4.77
CA PRO D 109 19.21 32.36 5.50
C PRO D 109 19.49 33.81 5.84
N ASN D 110 19.61 34.10 7.14
CA ASN D 110 20.02 35.43 7.59
C ASN D 110 21.53 35.60 7.44
N ILE D 111 22.01 36.82 7.62
CA ILE D 111 23.30 37.24 7.05
C ILE D 111 24.29 37.88 8.02
N GLN D 112 25.58 37.65 7.77
CA GLN D 112 26.65 38.46 8.35
C GLN D 112 26.41 39.90 7.94
N ASN D 113 26.28 40.80 8.92
CA ASN D 113 26.01 42.22 8.64
C ASN D 113 25.40 42.43 7.24
N PRO D 114 24.05 42.37 7.16
CA PRO D 114 23.29 42.48 5.91
C PRO D 114 23.66 43.68 5.07
N ASP D 115 23.67 43.49 3.75
CA ASP D 115 24.03 44.55 2.80
C ASP D 115 22.88 44.83 1.82
N PRO D 116 21.71 45.26 2.34
CA PRO D 116 20.59 45.51 1.43
C PRO D 116 20.96 46.56 0.39
N ALA D 117 20.96 46.18 -0.88
CA ALA D 117 21.33 47.10 -1.95
C ALA D 117 20.80 46.66 -3.31
N VAL D 118 20.54 47.65 -4.18
CA VAL D 118 20.00 47.39 -5.51
C VAL D 118 20.97 47.87 -6.59
N TYR D 119 21.32 46.98 -7.52
CA TYR D 119 22.27 47.27 -8.58
C TYR D 119 21.68 46.99 -9.98
N GLN D 120 22.32 47.51 -11.01
CA GLN D 120 21.93 47.26 -12.39
C GLN D 120 23.10 46.67 -13.18
N LEU D 121 22.79 45.68 -14.03
CA LEU D 121 23.83 44.95 -14.78
C LEU D 121 23.53 44.96 -16.27
N ARG D 122 24.48 45.45 -17.07
CA ARG D 122 24.27 45.53 -18.52
C ARG D 122 24.81 44.29 -19.27
N ASP D 123 24.15 43.98 -20.39
CA ASP D 123 24.39 42.75 -21.15
C ASP D 123 25.76 42.73 -21.82
N SER D 124 25.78 42.29 -23.08
CA SER D 124 26.98 42.28 -23.91
C SER D 124 26.63 42.87 -25.28
N LYS D 125 25.33 42.83 -25.61
CA LYS D 125 24.81 43.62 -26.71
C LYS D 125 24.43 44.99 -26.14
N SER D 126 25.46 45.78 -25.84
CA SER D 126 25.34 47.14 -25.31
C SER D 126 24.21 47.33 -24.30
N SER D 127 23.11 47.94 -24.75
CA SER D 127 22.01 48.33 -23.87
C SER D 127 20.74 47.55 -24.14
N ASP D 128 20.52 46.49 -23.37
CA ASP D 128 19.35 45.64 -23.51
C ASP D 128 19.10 44.90 -22.21
N LYS D 129 17.82 44.69 -21.88
CA LYS D 129 17.39 43.94 -20.69
C LYS D 129 18.05 44.37 -19.38
N SER D 130 19.24 44.97 -19.47
CA SER D 130 19.99 45.45 -18.30
C SER D 130 19.41 44.95 -16.99
N VAL D 131 19.59 43.66 -16.73
CA VAL D 131 19.01 42.99 -15.57
C VAL D 131 19.20 43.78 -14.27
N CYS D 132 18.19 43.74 -13.42
CA CYS D 132 18.24 44.39 -12.12
C CYS D 132 18.70 43.37 -11.09
N LEU D 133 19.34 43.83 -10.01
CA LEU D 133 19.78 42.91 -8.96
C LEU D 133 19.66 43.48 -7.55
N PHE D 134 19.08 42.70 -6.66
CA PHE D 134 18.80 43.13 -5.30
C PHE D 134 19.48 42.20 -4.30
N THR D 135 20.67 42.58 -3.85
CA THR D 135 21.42 41.76 -2.88
C THR D 135 20.87 41.93 -1.47
N ASP D 136 20.90 40.83 -0.71
CA ASP D 136 20.37 40.79 0.65
C ASP D 136 18.91 41.27 0.68
N PHE D 137 18.15 40.77 -0.29
CA PHE D 137 16.74 41.06 -0.43
C PHE D 137 15.98 40.52 0.78
N ASP D 138 15.41 41.44 1.57
CA ASP D 138 14.68 41.04 2.78
C ASP D 138 13.32 40.43 2.44
N SER D 139 13.05 39.26 3.02
CA SER D 139 11.80 38.56 2.73
C SER D 139 10.71 38.80 3.78
N GLN D 140 10.13 40.00 3.74
CA GLN D 140 8.91 40.32 4.48
C GLN D 140 7.76 40.25 3.49
N THR D 141 8.10 40.47 2.22
CA THR D 141 7.17 40.29 1.12
C THR D 141 7.35 38.90 0.52
N ASN D 142 8.20 38.79 -0.50
CA ASN D 142 8.44 37.53 -1.21
C ASN D 142 7.15 36.73 -1.46
N VAL D 143 6.19 37.37 -2.13
CA VAL D 143 4.94 36.72 -2.51
C VAL D 143 5.10 36.02 -3.87
N SER D 144 5.57 36.78 -4.86
CA SER D 144 5.90 36.25 -6.18
C SER D 144 6.76 37.26 -6.95
N GLN D 145 6.15 38.39 -7.31
CA GLN D 145 6.83 39.45 -8.07
C GLN D 145 6.91 40.75 -7.24
N SER D 146 6.91 41.87 -7.96
CA SER D 146 6.76 43.20 -7.36
C SER D 146 6.05 44.10 -8.37
N LYS D 147 6.60 45.28 -8.65
CA LYS D 147 6.00 46.16 -9.67
C LYS D 147 6.03 45.49 -11.05
N ASP D 148 5.00 44.69 -11.31
CA ASP D 148 4.99 43.85 -12.51
C ASP D 148 3.74 44.02 -13.39
N SER D 149 3.98 44.13 -14.70
CA SER D 149 2.97 43.93 -15.73
C SER D 149 3.73 43.48 -16.96
N ASP D 150 4.56 44.39 -17.48
CA ASP D 150 5.57 44.03 -18.46
C ASP D 150 6.97 44.01 -17.81
N ALA D 151 7.04 43.36 -16.65
CA ALA D 151 8.29 43.11 -15.94
C ALA D 151 8.33 41.65 -15.47
N TYR D 152 9.53 41.08 -15.37
CA TYR D 152 9.67 39.68 -14.96
C TYR D 152 10.61 39.57 -13.75
N ILE D 153 10.18 38.82 -12.74
CA ILE D 153 10.94 38.69 -11.49
C ILE D 153 11.12 37.23 -11.07
N THR D 154 12.37 36.85 -10.78
CA THR D 154 12.69 35.48 -10.38
C THR D 154 13.59 35.45 -9.15
N ASP D 155 13.19 36.19 -8.11
CA ASP D 155 13.93 36.22 -6.84
C ASP D 155 13.75 34.93 -6.05
N LYS D 156 14.85 34.32 -5.63
CA LYS D 156 14.80 33.08 -4.87
C LYS D 156 16.06 32.89 -4.01
N THR D 157 15.87 32.27 -2.84
CA THR D 157 16.92 32.17 -1.82
C THR D 157 17.77 30.89 -1.92
N VAL D 158 19.08 31.03 -2.08
CA VAL D 158 20.00 29.89 -2.19
C VAL D 158 21.22 30.07 -1.27
N LEU D 159 22.28 29.26 -1.45
CA LEU D 159 23.34 29.19 -0.42
C LEU D 159 24.83 29.32 -0.82
N ASP D 160 25.63 28.30 -0.46
CA ASP D 160 27.10 28.38 -0.32
C ASP D 160 27.99 28.61 -1.57
N MET D 161 29.32 28.54 -1.42
CA MET D 161 29.98 28.14 -0.15
C MET D 161 30.47 29.31 0.71
N ARG D 162 31.77 29.31 1.01
CA ARG D 162 32.35 30.23 2.00
C ARG D 162 33.78 30.72 1.67
N SER D 163 33.99 32.02 1.83
CA SER D 163 35.31 32.64 1.72
C SER D 163 35.23 34.05 2.28
N MET D 164 34.25 34.80 1.78
CA MET D 164 33.85 36.09 2.35
C MET D 164 32.37 36.01 2.71
N ASP D 165 31.94 34.83 3.17
CA ASP D 165 30.54 34.54 3.52
C ASP D 165 29.62 34.52 2.29
N PHE D 166 28.80 33.49 2.18
CA PHE D 166 27.87 33.39 1.05
C PHE D 166 26.67 32.48 1.29
N LYS D 167 25.49 33.10 1.35
CA LYS D 167 24.22 32.38 1.37
C LYS D 167 23.23 33.19 0.53
N SER D 168 23.05 32.76 -0.72
CA SER D 168 22.40 33.59 -1.77
C SER D 168 20.89 33.80 -1.67
N ASN D 169 20.47 34.84 -0.97
CA ASN D 169 19.08 35.30 -1.10
C ASN D 169 19.00 36.71 -1.67
N SER D 170 19.24 36.80 -2.98
CA SER D 170 19.13 38.05 -3.71
C SER D 170 17.78 38.12 -4.39
N ALA D 171 17.64 39.05 -5.32
CA ALA D 171 16.44 39.17 -6.15
C ALA D 171 16.86 39.68 -7.52
N VAL D 172 16.04 39.43 -8.53
CA VAL D 172 16.38 39.86 -9.89
C VAL D 172 15.14 40.12 -10.75
N ALA D 173 15.17 41.24 -11.47
CA ALA D 173 14.07 41.67 -12.34
C ALA D 173 14.58 42.20 -13.68
N TRP D 174 13.76 42.05 -14.71
CA TRP D 174 14.09 42.55 -16.04
C TRP D 174 12.83 42.78 -16.88
N SER D 175 13.01 43.24 -18.12
CA SER D 175 11.87 43.55 -18.99
C SER D 175 12.24 43.51 -20.48
N ASN D 176 11.35 44.03 -21.31
CA ASN D 176 11.53 44.04 -22.77
C ASN D 176 11.91 45.41 -23.32
N LYS D 177 12.19 46.36 -22.44
CA LYS D 177 12.40 47.74 -22.85
C LYS D 177 13.86 48.21 -22.85
N SER D 178 14.51 48.09 -21.69
CA SER D 178 15.77 48.78 -21.43
C SER D 178 15.46 50.23 -21.04
N ASP D 179 14.25 50.67 -21.39
CA ASP D 179 13.66 51.91 -20.91
C ASP D 179 13.05 51.61 -19.54
N PHE D 180 13.07 50.33 -19.18
CA PHE D 180 12.61 49.77 -17.91
C PHE D 180 12.95 50.66 -16.69
N ALA D 181 14.21 50.65 -16.27
CA ALA D 181 14.70 51.52 -15.19
C ALA D 181 14.84 50.83 -13.84
N CYS D 182 16.08 50.50 -13.48
CA CYS D 182 16.37 49.88 -12.20
C CYS D 182 16.13 50.83 -11.02
N ALA D 183 16.47 50.37 -9.82
CA ALA D 183 16.24 51.15 -8.60
C ALA D 183 14.83 51.73 -8.64
N ASN D 184 13.88 50.89 -9.03
CA ASN D 184 12.52 51.31 -9.31
C ASN D 184 11.73 50.09 -9.78
N ALA D 185 12.48 49.03 -10.08
CA ALA D 185 11.92 47.79 -10.60
C ALA D 185 11.34 46.90 -9.51
N PHE D 186 11.45 47.33 -8.26
CA PHE D 186 10.95 46.55 -7.14
C PHE D 186 9.94 47.34 -6.31
N ASN D 187 8.87 47.79 -6.98
CA ASN D 187 7.85 48.59 -6.30
C ASN D 187 6.89 47.80 -5.41
N ASN D 188 6.15 46.84 -5.98
CA ASN D 188 5.11 46.13 -5.20
C ASN D 188 5.67 45.42 -3.96
N SER D 189 6.99 45.37 -3.85
CA SER D 189 7.66 44.80 -2.68
C SER D 189 7.90 45.89 -1.63
N ILE D 190 8.09 45.48 -0.37
CA ILE D 190 8.38 46.46 0.69
C ILE D 190 9.80 46.29 1.23
N ILE D 191 10.77 46.81 0.48
CA ILE D 191 12.18 46.73 0.84
C ILE D 191 12.53 47.60 2.06
N PRO D 192 13.69 47.35 2.68
CA PRO D 192 14.13 48.03 3.92
C PRO D 192 14.39 49.54 3.78
N GLU D 193 14.99 50.11 4.81
CA GLU D 193 15.29 51.55 4.84
C GLU D 193 16.72 51.81 4.37
N ASP D 194 17.65 50.97 4.79
CA ASP D 194 19.08 51.14 4.47
C ASP D 194 19.42 50.71 3.04
N THR D 195 18.40 50.39 2.24
CA THR D 195 18.62 49.94 0.88
C THR D 195 19.51 50.94 0.14
N PHE D 196 20.41 50.43 -0.70
CA PHE D 196 21.48 51.26 -1.24
C PHE D 196 21.40 51.47 -2.75
N PHE D 197 21.26 52.73 -3.17
CA PHE D 197 21.16 53.07 -4.60
C PHE D 197 22.37 53.87 -5.09
N PRO D 198 23.07 53.33 -6.12
CA PRO D 198 24.25 53.96 -6.72
C PRO D 198 23.96 54.93 -7.86
N SER D 199 22.81 54.77 -8.52
CA SER D 199 22.43 55.60 -9.68
C SER D 199 23.39 55.43 -10.88
N MET E 1 20.63 1.75 -4.01
CA MET E 1 19.91 2.31 -5.17
C MET E 1 20.41 1.70 -6.49
N GLY E 2 19.53 1.65 -7.49
CA GLY E 2 18.19 2.22 -7.35
C GLY E 2 17.26 2.04 -8.54
N VAL E 3 16.34 2.99 -8.70
CA VAL E 3 15.31 2.92 -9.72
C VAL E 3 15.63 3.82 -10.90
N THR E 4 16.07 3.21 -12.00
CA THR E 4 16.42 3.97 -13.19
C THR E 4 15.18 4.19 -14.05
N GLN E 5 15.01 5.43 -14.52
CA GLN E 5 13.76 5.85 -15.15
C GLN E 5 14.06 6.75 -16.35
N THR E 6 13.55 6.35 -17.51
CA THR E 6 13.87 7.01 -18.77
C THR E 6 12.61 7.22 -19.60
N PRO E 7 12.50 8.37 -20.30
CA PRO E 7 13.47 9.45 -20.41
C PRO E 7 13.21 10.57 -19.41
N LYS E 8 14.14 11.51 -19.28
CA LYS E 8 13.97 12.62 -18.33
C LYS E 8 12.92 13.62 -18.82
N PHE E 9 13.07 14.04 -20.07
CA PHE E 9 12.23 15.10 -20.63
C PHE E 9 11.58 14.63 -21.92
N GLN E 10 10.44 15.22 -22.26
CA GLN E 10 9.71 14.76 -23.42
C GLN E 10 8.61 15.72 -23.84
N VAL E 11 8.52 15.98 -25.13
CA VAL E 11 7.41 16.75 -25.68
C VAL E 11 6.64 15.82 -26.59
N LEU E 12 5.32 15.98 -26.65
CA LEU E 12 4.49 15.11 -27.46
C LEU E 12 3.41 15.90 -28.18
N LYS E 13 3.12 15.48 -29.41
CA LYS E 13 2.01 16.06 -30.17
C LYS E 13 0.77 15.27 -29.85
N THR E 14 -0.29 15.98 -29.47
CA THR E 14 -1.54 15.36 -29.03
C THR E 14 -1.89 14.14 -29.86
N GLY E 15 -2.31 13.08 -29.17
CA GLY E 15 -2.73 11.84 -29.84
C GLY E 15 -1.59 10.86 -30.05
N GLN E 16 -0.35 11.34 -29.91
CA GLN E 16 0.84 10.50 -30.00
C GLN E 16 0.94 9.60 -28.78
N SER E 17 1.44 8.38 -28.99
CA SER E 17 1.58 7.42 -27.91
C SER E 17 3.02 7.35 -27.45
N MET E 18 3.25 6.77 -26.27
CA MET E 18 4.61 6.65 -25.76
C MET E 18 4.77 5.65 -24.62
N THR E 19 5.98 5.09 -24.51
CA THR E 19 6.31 4.20 -23.42
C THR E 19 7.30 4.87 -22.49
N LEU E 20 6.92 5.02 -21.23
CA LEU E 20 7.83 5.49 -20.21
C LEU E 20 8.54 4.29 -19.58
N GLN E 21 9.86 4.25 -19.68
CA GLN E 21 10.64 3.13 -19.16
C GLN E 21 11.08 3.39 -17.73
N CYS E 22 10.80 2.44 -16.84
CA CYS E 22 11.47 2.41 -15.53
C CYS E 22 11.87 0.98 -15.16
N ALA E 23 13.07 0.85 -14.61
CA ALA E 23 13.66 -0.45 -14.28
C ALA E 23 14.39 -0.35 -12.94
N GLN E 24 14.31 -1.42 -12.16
CA GLN E 24 15.00 -1.49 -10.89
C GLN E 24 15.86 -2.75 -10.92
N ASP E 25 16.84 -2.86 -10.03
CA ASP E 25 17.70 -4.04 -10.00
C ASP E 25 17.91 -4.59 -8.60
N MET E 26 16.89 -4.46 -7.76
CA MET E 26 17.00 -4.82 -6.34
C MET E 26 16.07 -5.95 -5.90
N ASN E 27 15.36 -6.56 -6.84
CA ASN E 27 14.38 -7.58 -6.49
C ASN E 27 13.19 -7.04 -5.69
N HIS E 28 12.87 -5.76 -5.86
CA HIS E 28 11.68 -5.19 -5.21
C HIS E 28 10.42 -5.74 -5.87
N GLU E 29 9.53 -6.31 -5.07
CA GLU E 29 8.32 -6.87 -5.63
C GLU E 29 7.47 -5.72 -6.14
N TYR E 30 7.07 -4.84 -5.22
CA TYR E 30 6.16 -3.74 -5.49
C TYR E 30 6.74 -2.63 -6.38
N MET E 31 6.02 -2.26 -7.45
CA MET E 31 6.40 -1.13 -8.28
C MET E 31 5.15 -0.34 -8.67
N SER E 32 5.26 0.99 -8.71
CA SER E 32 4.11 1.82 -9.00
C SER E 32 4.46 3.13 -9.70
N TRP E 33 3.49 3.68 -10.42
CA TRP E 33 3.61 4.96 -11.11
C TRP E 33 2.66 6.00 -10.52
N TYR E 34 3.22 7.13 -10.09
CA TYR E 34 2.43 8.27 -9.66
C TYR E 34 2.67 9.40 -10.65
N ARG E 35 1.68 10.27 -10.82
CA ARG E 35 1.89 11.51 -11.56
C ARG E 35 1.93 12.69 -10.60
N GLN E 36 2.36 13.85 -11.09
CA GLN E 36 2.43 15.05 -10.27
C GLN E 36 1.80 16.25 -10.97
N ASP E 37 0.79 16.83 -10.33
CA ASP E 37 0.15 18.05 -10.83
C ASP E 37 -0.24 18.93 -9.64
N PRO E 38 0.25 20.18 -9.62
CA PRO E 38 0.12 21.09 -8.49
C PRO E 38 -1.27 21.11 -7.86
N GLY E 39 -1.31 21.13 -6.52
CA GLY E 39 -2.57 21.18 -5.80
C GLY E 39 -3.02 19.83 -5.28
N MET E 40 -2.62 18.76 -5.97
CA MET E 40 -2.96 17.39 -5.56
C MET E 40 -1.71 16.55 -5.27
N GLY E 41 -0.54 17.13 -5.52
CA GLY E 41 0.70 16.39 -5.28
C GLY E 41 0.72 15.08 -6.03
N LEU E 42 1.12 14.02 -5.35
CA LEU E 42 1.29 12.73 -5.99
C LEU E 42 0.00 11.92 -6.00
N ARG E 43 -0.51 11.63 -7.20
CA ARG E 43 -1.65 10.74 -7.36
C ARG E 43 -1.25 9.47 -8.09
N LEU E 44 -1.72 8.32 -7.60
CA LEU E 44 -1.31 7.02 -8.11
C LEU E 44 -2.00 6.63 -9.42
N ILE E 45 -1.22 6.11 -10.37
CA ILE E 45 -1.77 5.67 -11.66
C ILE E 45 -2.05 4.17 -11.70
N HIS E 46 -1.02 3.36 -11.96
CA HIS E 46 -1.13 1.90 -11.92
C HIS E 46 -0.04 1.33 -11.02
N TYR E 47 -0.38 0.32 -10.23
CA TYR E 47 0.63 -0.30 -9.37
C TYR E 47 0.81 -1.77 -9.71
N SER E 48 1.90 -2.34 -9.22
CA SER E 48 2.26 -3.74 -9.48
C SER E 48 2.89 -4.41 -8.26
N VAL E 49 2.26 -5.50 -7.84
CA VAL E 49 2.58 -6.21 -6.60
C VAL E 49 3.57 -7.37 -6.80
N GLY E 50 3.89 -7.66 -8.06
CA GLY E 50 4.79 -8.75 -8.40
C GLY E 50 4.81 -9.02 -9.89
N ALA E 51 5.69 -9.93 -10.32
CA ALA E 51 5.83 -10.27 -11.73
C ALA E 51 4.59 -10.97 -12.24
N GLY E 52 3.90 -10.33 -13.18
CA GLY E 52 2.75 -10.93 -13.82
C GLY E 52 1.46 -10.29 -13.34
N ILE E 53 1.54 -9.62 -12.20
CA ILE E 53 0.37 -8.97 -11.61
C ILE E 53 0.39 -7.46 -11.80
N THR E 54 -0.67 -6.94 -12.42
CA THR E 54 -0.87 -5.50 -12.58
C THR E 54 -2.25 -5.09 -12.05
N ASP E 55 -2.32 -3.90 -11.45
CA ASP E 55 -3.56 -3.43 -10.83
C ASP E 55 -3.72 -1.92 -10.94
N GLN E 56 -4.96 -1.47 -11.06
CA GLN E 56 -5.25 -0.05 -11.29
C GLN E 56 -5.09 0.84 -10.04
N GLY E 57 -4.95 2.13 -10.25
CA GLY E 57 -4.72 3.05 -9.14
C GLY E 57 -5.77 4.15 -9.04
N GLU E 58 -5.39 5.26 -8.43
CA GLU E 58 -6.30 6.38 -8.31
C GLU E 58 -6.69 6.89 -9.70
N VAL E 59 -5.71 7.04 -10.58
CA VAL E 59 -5.94 7.75 -11.84
C VAL E 59 -5.39 7.00 -13.07
N PRO E 60 -5.97 5.83 -13.36
CA PRO E 60 -5.45 4.88 -14.34
C PRO E 60 -5.91 5.17 -15.76
N ASN E 61 -6.95 5.98 -15.89
CA ASN E 61 -7.54 6.30 -17.18
C ASN E 61 -6.51 6.81 -18.19
N GLY E 62 -6.38 6.10 -19.31
CA GLY E 62 -5.53 6.55 -20.43
C GLY E 62 -4.12 5.99 -20.48
N TYR E 63 -3.65 5.47 -19.35
CA TYR E 63 -2.35 4.80 -19.30
C TYR E 63 -2.56 3.31 -19.10
N ASN E 64 -1.65 2.50 -19.60
CA ASN E 64 -1.59 1.10 -19.20
C ASN E 64 -0.14 0.72 -18.97
N VAL E 65 0.08 -0.47 -18.41
CA VAL E 65 1.44 -0.93 -18.08
C VAL E 65 1.53 -2.45 -18.19
N SER E 66 2.75 -2.97 -18.09
CA SER E 66 2.93 -4.41 -18.00
C SER E 66 3.98 -4.72 -16.93
N ARG E 67 4.04 -5.98 -16.49
CA ARG E 67 5.08 -6.42 -15.55
C ARG E 67 5.40 -7.89 -15.73
N SER E 68 5.96 -8.24 -16.88
CA SER E 68 6.27 -9.62 -17.16
C SER E 68 7.51 -10.06 -16.39
N THR E 69 8.23 -9.09 -15.84
CA THR E 69 9.46 -9.37 -15.07
C THR E 69 9.55 -8.55 -13.78
N THR E 70 10.46 -8.97 -12.90
CA THR E 70 10.71 -8.27 -11.64
C THR E 70 11.28 -6.86 -11.80
N GLU E 71 12.07 -6.66 -12.85
CA GLU E 71 12.84 -5.42 -13.04
C GLU E 71 12.08 -4.25 -13.63
N ASP E 72 11.24 -4.52 -14.63
CA ASP E 72 10.67 -3.44 -15.43
C ASP E 72 9.18 -3.22 -15.27
N PHE E 73 8.78 -1.96 -15.37
CA PHE E 73 7.39 -1.57 -15.22
C PHE E 73 7.06 -0.40 -16.16
N PRO E 74 6.94 -0.68 -17.46
CA PRO E 74 6.76 0.32 -18.51
C PRO E 74 5.40 1.03 -18.47
N LEU E 75 5.42 2.36 -18.51
CA LEU E 75 4.20 3.16 -18.60
C LEU E 75 3.91 3.59 -20.03
N ARG E 76 2.93 2.94 -20.66
CA ARG E 76 2.53 3.29 -22.02
C ARG E 76 1.34 4.25 -22.04
N LEU E 77 1.51 5.39 -22.70
CA LEU E 77 0.45 6.39 -22.88
C LEU E 77 -0.32 6.17 -24.18
N LEU E 78 -1.36 5.33 -24.14
CA LEU E 78 -2.14 5.01 -25.34
C LEU E 78 -2.15 6.17 -26.34
N SER E 79 -2.93 7.19 -26.01
CA SER E 79 -3.18 8.31 -26.93
C SER E 79 -3.16 9.65 -26.19
N ALA E 80 -2.04 10.36 -26.31
CA ALA E 80 -1.79 11.56 -25.51
C ALA E 80 -2.85 12.65 -25.61
N ALA E 81 -3.49 12.96 -24.49
CA ALA E 81 -4.35 14.13 -24.36
C ALA E 81 -3.60 15.25 -23.65
N PRO E 82 -3.95 16.52 -23.93
CA PRO E 82 -3.26 17.66 -23.33
C PRO E 82 -3.38 17.71 -21.82
N SER E 83 -4.19 16.83 -21.25
CA SER E 83 -4.33 16.76 -19.79
C SER E 83 -3.39 15.71 -19.24
N GLN E 84 -2.65 15.05 -20.14
CA GLN E 84 -1.60 14.10 -19.76
C GLN E 84 -0.23 14.79 -19.55
N THR E 85 -0.20 16.11 -19.70
CA THR E 85 1.00 16.88 -19.33
C THR E 85 1.18 16.74 -17.82
N SER E 86 2.39 16.43 -17.38
CA SER E 86 2.61 16.16 -15.97
C SER E 86 4.07 15.80 -15.68
N VAL E 87 4.34 15.49 -14.42
CA VAL E 87 5.63 14.96 -14.00
C VAL E 87 5.39 13.55 -13.48
N TYR E 88 6.12 12.58 -14.01
CA TYR E 88 5.90 11.20 -13.61
C TYR E 88 6.99 10.67 -12.70
N PHE E 89 6.61 9.76 -11.81
CA PHE E 89 7.57 9.07 -10.96
C PHE E 89 7.27 7.58 -10.93
N CYS E 90 8.34 6.78 -10.88
CA CYS E 90 8.24 5.34 -10.77
C CYS E 90 8.87 5.01 -9.45
N ALA E 91 8.09 4.43 -8.54
CA ALA E 91 8.59 4.11 -7.21
C ALA E 91 8.44 2.62 -6.95
N SER E 92 9.40 2.05 -6.21
CA SER E 92 9.34 0.64 -5.84
C SER E 92 9.62 0.44 -4.34
N SER E 93 9.31 -0.76 -3.85
CA SER E 93 9.63 -1.13 -2.48
C SER E 93 9.78 -2.66 -2.32
N PRO E 94 10.67 -3.09 -1.41
CA PRO E 94 11.12 -4.49 -1.34
C PRO E 94 10.02 -5.53 -1.13
N VAL E 95 9.12 -5.30 -0.19
CA VAL E 95 8.09 -6.28 0.14
C VAL E 95 6.65 -5.78 0.00
N THR E 96 5.87 -6.49 -0.80
CA THR E 96 4.44 -6.22 -0.92
C THR E 96 3.78 -6.47 0.43
N GLY E 97 2.79 -5.64 0.77
CA GLY E 97 2.13 -5.74 2.07
C GLY E 97 3.04 -5.41 3.23
N GLY E 98 4.28 -5.03 2.93
CA GLY E 98 5.26 -4.61 3.93
C GLY E 98 5.16 -3.12 4.15
N ILE E 99 5.94 -2.59 5.09
CA ILE E 99 5.84 -1.17 5.49
C ILE E 99 6.97 -0.30 4.94
N TYR E 100 7.99 -0.93 4.37
CA TYR E 100 9.11 -0.20 3.79
C TYR E 100 8.74 1.08 3.04
N GLY E 101 9.65 2.06 3.07
CA GLY E 101 9.47 3.28 2.29
C GLY E 101 9.81 3.06 0.82
N TYR E 102 9.27 3.91 -0.04
CA TYR E 102 9.48 3.80 -1.47
C TYR E 102 10.76 4.50 -1.86
N THR E 103 11.68 3.79 -2.48
CA THR E 103 12.82 4.44 -3.10
C THR E 103 12.40 4.88 -4.51
N PHE E 104 12.36 6.18 -4.77
CA PHE E 104 11.76 6.73 -6.00
C PHE E 104 12.73 6.82 -7.15
N GLY E 105 12.20 6.65 -8.36
CA GLY E 105 12.97 6.88 -9.57
C GLY E 105 13.29 8.35 -9.76
N SER E 106 14.07 8.66 -10.79
CA SER E 106 14.53 10.02 -11.06
C SER E 106 13.40 11.02 -11.35
N GLY E 107 12.38 10.59 -12.09
CA GLY E 107 11.25 11.45 -12.46
C GLY E 107 11.40 11.94 -13.89
N THR E 108 10.27 12.02 -14.62
CA THR E 108 10.27 12.56 -15.99
C THR E 108 9.22 13.67 -16.22
N ARG E 109 9.63 14.73 -16.92
CA ARG E 109 8.74 15.87 -17.20
C ARG E 109 8.13 15.71 -18.58
N LEU E 110 6.80 15.67 -18.65
CA LEU E 110 6.11 15.42 -19.90
C LEU E 110 5.18 16.58 -20.27
N THR E 111 5.37 17.17 -21.44
CA THR E 111 4.42 18.16 -21.96
C THR E 111 3.78 17.71 -23.27
N VAL E 112 2.45 17.75 -23.28
CA VAL E 112 1.65 17.37 -24.43
C VAL E 112 1.07 18.63 -25.07
N VAL E 113 1.63 19.02 -26.21
CA VAL E 113 1.20 20.23 -26.91
C VAL E 113 0.34 19.88 -28.11
N GLU E 114 -0.56 20.79 -28.48
CA GLU E 114 -1.38 20.60 -29.66
C GLU E 114 -0.50 20.44 -30.90
N ASP E 115 0.22 21.50 -31.26
CA ASP E 115 1.10 21.48 -32.42
C ASP E 115 2.53 21.67 -31.93
N LEU E 116 3.46 20.89 -32.48
CA LEU E 116 4.87 20.99 -32.15
C LEU E 116 5.34 22.40 -32.46
N ASN E 117 4.46 23.13 -33.13
CA ASN E 117 4.59 24.56 -33.40
C ASN E 117 4.90 25.38 -32.15
N LYS E 118 4.48 24.86 -30.99
CA LYS E 118 4.58 25.61 -29.73
C LYS E 118 5.97 25.57 -29.09
N VAL E 119 6.89 24.82 -29.69
CA VAL E 119 8.20 24.58 -29.07
C VAL E 119 9.24 25.64 -29.43
N PHE E 120 9.82 26.26 -28.41
CA PHE E 120 10.83 27.29 -28.62
C PHE E 120 12.10 27.00 -27.84
N PRO E 121 13.27 27.16 -28.48
CA PRO E 121 14.59 27.14 -27.85
C PRO E 121 14.84 28.45 -27.09
N PRO E 122 15.81 28.46 -26.17
CA PRO E 122 15.97 29.60 -25.30
C PRO E 122 16.96 30.65 -25.84
N GLU E 123 17.08 31.76 -25.13
CA GLU E 123 18.02 32.83 -25.49
C GLU E 123 18.89 33.24 -24.31
N VAL E 124 20.11 32.71 -24.28
CA VAL E 124 21.00 32.87 -23.15
C VAL E 124 21.77 34.19 -23.21
N ALA E 125 21.77 34.93 -22.09
CA ALA E 125 22.51 36.18 -22.00
C ALA E 125 23.17 36.36 -20.65
N VAL E 126 24.38 36.89 -20.65
CA VAL E 126 25.18 37.11 -19.45
C VAL E 126 25.25 38.59 -19.13
N PHE E 127 25.48 38.94 -17.86
CA PHE E 127 25.42 40.33 -17.43
C PHE E 127 26.55 40.71 -16.48
N GLU E 128 27.35 41.70 -16.89
CA GLU E 128 28.55 42.12 -16.16
C GLU E 128 28.32 42.65 -14.75
N PRO E 129 29.17 42.24 -13.80
CA PRO E 129 29.08 42.68 -12.41
C PRO E 129 28.94 44.19 -12.32
N SER E 130 28.11 44.65 -11.40
CA SER E 130 27.89 46.07 -11.18
C SER E 130 29.18 46.78 -10.78
N GLU E 131 29.63 47.68 -11.65
CA GLU E 131 30.88 48.41 -11.41
C GLU E 131 30.79 49.26 -10.14
N ALA E 132 29.70 49.10 -9.40
CA ALA E 132 29.52 49.78 -8.12
C ALA E 132 29.34 48.79 -6.97
N GLU E 133 29.10 47.53 -7.31
CA GLU E 133 29.05 46.45 -6.33
C GLU E 133 30.48 46.15 -5.87
N ILE E 134 31.41 46.19 -6.82
CA ILE E 134 32.83 46.00 -6.54
C ILE E 134 33.35 47.13 -5.65
N SER E 135 32.88 48.34 -5.95
CA SER E 135 33.28 49.52 -5.21
C SER E 135 32.55 49.66 -3.88
N HIS E 136 31.82 48.62 -3.48
CA HIS E 136 30.99 48.71 -2.27
C HIS E 136 31.32 47.65 -1.22
N THR E 137 31.49 46.40 -1.65
CA THR E 137 31.77 45.30 -0.73
C THR E 137 32.88 44.40 -1.26
N GLN E 138 33.37 44.74 -2.46
CA GLN E 138 34.49 44.04 -3.06
C GLN E 138 34.12 42.65 -3.54
N LYS E 139 32.92 42.53 -4.13
CA LYS E 139 32.47 41.26 -4.70
C LYS E 139 31.87 41.47 -6.09
N ALA E 140 32.11 40.53 -6.98
CA ALA E 140 31.61 40.61 -8.34
C ALA E 140 30.51 39.57 -8.57
N THR E 141 29.48 39.95 -9.33
CA THR E 141 28.35 39.05 -9.59
C THR E 141 27.95 39.02 -11.07
N LEU E 142 28.03 37.82 -11.65
CA LEU E 142 27.61 37.61 -13.02
C LEU E 142 26.22 36.96 -13.04
N VAL E 143 25.35 37.47 -13.92
CA VAL E 143 24.00 36.97 -14.01
C VAL E 143 23.73 36.34 -15.38
N CYS E 144 23.34 35.07 -15.38
CA CYS E 144 22.96 34.41 -16.60
C CYS E 144 21.45 34.37 -16.71
N LEU E 145 20.93 34.66 -17.90
CA LEU E 145 19.49 34.73 -18.09
C LEU E 145 19.05 34.06 -19.38
N ALA E 146 18.32 32.95 -19.23
CA ALA E 146 17.72 32.26 -20.36
C ALA E 146 16.24 32.58 -20.40
N THR E 147 15.73 32.91 -21.57
CA THR E 147 14.32 33.29 -21.69
C THR E 147 13.64 32.73 -22.93
N GLY E 148 12.31 32.84 -22.96
CA GLY E 148 11.53 32.54 -24.13
C GLY E 148 11.67 31.12 -24.62
N PHE E 149 11.53 30.15 -23.73
CA PHE E 149 11.58 28.74 -24.12
C PHE E 149 10.32 27.95 -23.77
N PHE E 150 10.11 26.86 -24.48
CA PHE E 150 8.97 25.99 -24.25
C PHE E 150 9.23 24.64 -24.90
N PRO E 151 8.98 23.55 -24.15
CA PRO E 151 8.53 23.55 -22.76
C PRO E 151 9.67 23.73 -21.77
N ASP E 152 9.34 23.76 -20.48
CA ASP E 152 10.30 24.08 -19.44
C ASP E 152 11.34 22.98 -19.18
N HIS E 153 12.04 22.54 -20.23
CA HIS E 153 13.04 21.48 -20.08
C HIS E 153 14.45 21.96 -20.34
N VAL E 154 15.17 22.28 -19.28
CA VAL E 154 16.52 22.84 -19.40
C VAL E 154 17.43 22.51 -18.21
N GLU E 155 18.73 22.65 -18.42
CA GLU E 155 19.72 22.47 -17.38
C GLU E 155 20.73 23.60 -17.52
N LEU E 156 20.93 24.35 -16.44
CA LEU E 156 21.80 25.52 -16.52
C LEU E 156 23.11 25.35 -15.75
N SER E 157 24.22 25.33 -16.48
CA SER E 157 25.53 25.23 -15.87
C SER E 157 26.34 26.48 -16.16
N TRP E 158 27.51 26.57 -15.54
CA TRP E 158 28.46 27.63 -15.79
C TRP E 158 29.80 27.02 -16.16
N TRP E 159 30.72 27.85 -16.64
CA TRP E 159 32.03 27.38 -17.05
C TRP E 159 33.09 28.47 -16.98
N VAL E 160 33.99 28.34 -16.03
CA VAL E 160 35.12 29.25 -15.89
C VAL E 160 36.33 28.68 -16.60
N ASN E 161 36.87 29.44 -17.54
CA ASN E 161 38.05 29.04 -18.32
C ASN E 161 37.87 27.72 -19.05
N GLY E 162 36.86 26.96 -18.66
CA GLY E 162 36.57 25.68 -19.31
C GLY E 162 36.18 24.59 -18.32
N LYS E 163 36.13 24.94 -17.04
CA LYS E 163 35.70 24.00 -15.99
C LYS E 163 34.30 24.30 -15.45
N GLU E 164 33.51 23.25 -15.22
CA GLU E 164 32.15 23.41 -14.70
C GLU E 164 32.20 23.70 -13.20
N VAL E 165 31.96 24.95 -12.82
CA VAL E 165 32.03 25.35 -11.42
C VAL E 165 30.67 25.26 -10.72
N HIS E 166 30.71 24.86 -9.45
CA HIS E 166 29.51 24.79 -8.63
C HIS E 166 29.71 25.76 -7.47
N SER E 167 30.95 26.17 -7.27
CA SER E 167 31.29 27.08 -6.19
C SER E 167 30.74 28.48 -6.43
N GLY E 168 29.82 28.92 -5.58
CA GLY E 168 29.29 30.28 -5.64
C GLY E 168 28.07 30.47 -6.54
N VAL E 169 27.69 29.43 -7.26
CA VAL E 169 26.55 29.49 -8.17
C VAL E 169 25.21 29.33 -7.46
N SER E 170 24.21 30.09 -7.86
CA SER E 170 22.84 29.88 -7.38
C SER E 170 21.82 30.00 -8.50
N THR E 171 21.52 28.89 -9.15
CA THR E 171 20.52 28.86 -10.22
C THR E 171 19.11 28.92 -9.61
N ASP E 172 18.11 29.08 -10.48
CA ASP E 172 16.72 28.92 -10.06
C ASP E 172 16.38 27.43 -10.05
N PRO E 173 15.51 27.01 -9.11
CA PRO E 173 15.10 25.62 -9.01
C PRO E 173 14.25 25.16 -10.20
N GLN E 174 13.37 26.03 -10.68
CA GLN E 174 12.46 25.66 -11.75
C GLN E 174 12.10 26.84 -12.65
N PRO E 175 11.97 26.58 -13.95
CA PRO E 175 11.66 27.62 -14.92
C PRO E 175 10.34 28.31 -14.59
N LEU E 176 10.26 29.61 -14.87
CA LEU E 176 9.09 30.40 -14.55
C LEU E 176 8.43 30.96 -15.79
N LYS E 177 7.10 30.95 -15.82
CA LYS E 177 6.36 31.53 -16.92
C LYS E 177 6.70 33.02 -17.03
N GLU E 178 6.93 33.50 -18.25
CA GLU E 178 7.26 34.90 -18.45
C GLU E 178 6.16 35.80 -17.88
N GLN E 179 4.91 35.43 -18.12
CA GLN E 179 3.75 36.05 -17.49
C GLN E 179 2.72 34.95 -17.28
N PRO E 180 2.42 34.60 -16.02
CA PRO E 180 1.43 33.58 -15.67
C PRO E 180 0.01 33.84 -16.23
N ALA E 181 -0.07 34.54 -17.35
CA ALA E 181 -1.31 34.63 -18.13
C ALA E 181 -1.00 34.71 -19.63
N LEU E 182 -1.08 33.57 -20.32
CA LEU E 182 -1.40 32.27 -19.73
C LEU E 182 -1.38 31.17 -20.80
N ASN E 183 -0.24 30.49 -20.89
CA ASN E 183 -0.10 29.31 -21.75
C ASN E 183 0.32 29.68 -23.17
N ASP E 184 0.42 30.98 -23.43
CA ASP E 184 1.20 31.48 -24.54
C ASP E 184 2.54 31.95 -23.98
N SER E 185 2.61 31.98 -22.65
CA SER E 185 3.83 32.35 -21.96
C SER E 185 4.94 31.34 -22.21
N ARG E 186 6.14 31.87 -22.47
CA ARG E 186 7.33 31.04 -22.53
C ARG E 186 7.94 31.00 -21.13
N TYR E 187 9.10 30.36 -21.00
CA TYR E 187 9.66 30.18 -19.67
C TYR E 187 10.97 30.94 -19.46
N CYS E 188 11.33 31.10 -18.19
CA CYS E 188 12.50 31.89 -17.78
C CYS E 188 13.38 31.21 -16.74
N LEU E 189 14.68 31.49 -16.80
CA LEU E 189 15.63 30.84 -15.92
C LEU E 189 16.87 31.70 -15.73
N SER E 190 17.27 31.90 -14.48
CA SER E 190 18.40 32.77 -14.16
C SER E 190 19.38 32.14 -13.17
N SER E 191 20.56 32.73 -13.11
CA SER E 191 21.58 32.27 -12.17
C SER E 191 22.53 33.41 -11.85
N ARG E 192 22.87 33.56 -10.57
CA ARG E 192 23.91 34.49 -10.15
C ARG E 192 25.22 33.74 -9.92
N LEU E 193 26.30 34.20 -10.53
CA LEU E 193 27.64 33.74 -10.16
C LEU E 193 28.37 34.85 -9.45
N ARG E 194 28.53 34.71 -8.14
CA ARG E 194 29.26 35.70 -7.35
C ARG E 194 30.66 35.21 -7.04
N VAL E 195 31.64 35.88 -7.62
CA VAL E 195 33.05 35.62 -7.33
C VAL E 195 33.72 36.89 -6.82
N SER E 196 34.98 36.76 -6.38
CA SER E 196 35.76 37.88 -5.92
C SER E 196 35.69 39.05 -6.89
N ALA E 197 35.61 40.26 -6.35
CA ALA E 197 35.65 41.46 -7.19
C ALA E 197 36.92 41.50 -8.04
N THR E 198 38.04 41.07 -7.45
CA THR E 198 39.32 41.08 -8.15
C THR E 198 39.52 39.88 -9.09
N PHE E 199 38.69 38.86 -8.95
CA PHE E 199 38.80 37.67 -9.80
C PHE E 199 38.13 37.89 -11.16
N TRP E 200 37.06 38.69 -11.17
CA TRP E 200 36.44 39.15 -12.43
C TRP E 200 37.19 40.34 -13.00
N GLN E 201 37.92 41.04 -12.13
CA GLN E 201 38.78 42.17 -12.54
C GLN E 201 39.89 41.65 -13.47
N ASN E 202 40.27 40.40 -13.26
CA ASN E 202 41.29 39.71 -14.05
C ASN E 202 40.78 39.35 -15.44
N PRO E 203 41.22 40.10 -16.47
CA PRO E 203 40.67 40.04 -17.83
C PRO E 203 40.98 38.75 -18.57
N ARG E 204 41.76 37.87 -17.95
CA ARG E 204 42.23 36.67 -18.62
C ARG E 204 41.18 35.56 -18.56
N ASN E 205 40.12 35.80 -17.80
CA ASN E 205 39.11 34.77 -17.51
C ASN E 205 37.93 34.71 -18.49
N HIS E 206 37.47 33.49 -18.76
CA HIS E 206 36.36 33.24 -19.68
C HIS E 206 35.17 32.64 -18.95
N PHE E 207 34.24 33.49 -18.51
CA PHE E 207 33.00 33.02 -17.90
C PHE E 207 32.00 32.59 -18.96
N ARG E 208 31.22 31.54 -18.66
CA ARG E 208 30.24 31.02 -19.61
C ARG E 208 29.15 30.17 -18.96
N CYS E 209 27.90 30.65 -18.98
CA CYS E 209 26.78 29.80 -18.62
C CYS E 209 26.25 29.09 -19.86
N GLN E 210 25.89 27.83 -19.71
CA GLN E 210 25.30 27.09 -20.82
C GLN E 210 23.99 26.47 -20.38
N VAL E 211 23.08 26.33 -21.33
CA VAL E 211 21.76 25.80 -21.08
C VAL E 211 21.37 24.75 -22.12
N GLN E 212 21.36 23.48 -21.70
CA GLN E 212 20.86 22.41 -22.55
C GLN E 212 19.35 22.44 -22.55
N PHE E 213 18.76 22.62 -23.74
CA PHE E 213 17.32 22.61 -23.92
C PHE E 213 16.88 21.24 -24.47
N TYR E 214 15.83 20.68 -23.87
CA TYR E 214 15.30 19.41 -24.36
C TYR E 214 14.02 19.63 -25.17
N GLY E 215 14.14 19.55 -26.50
CA GLY E 215 12.99 19.79 -27.36
C GLY E 215 12.81 18.73 -28.43
N LEU E 216 12.64 19.18 -29.68
CA LEU E 216 12.30 18.29 -30.78
C LEU E 216 13.42 17.35 -31.26
N SER E 217 13.01 16.25 -31.86
CA SER E 217 13.93 15.27 -32.43
C SER E 217 13.78 15.21 -33.95
N GLU E 218 14.91 15.14 -34.66
CA GLU E 218 14.86 14.90 -36.11
C GLU E 218 14.13 13.59 -36.33
N ASN E 219 12.81 13.68 -36.46
CA ASN E 219 11.92 12.53 -36.39
C ASN E 219 10.48 13.00 -36.43
N ASP E 220 10.19 14.06 -35.67
CA ASP E 220 8.89 14.69 -35.71
C ASP E 220 8.82 15.59 -36.94
N GLU E 221 7.63 15.72 -37.53
CA GLU E 221 7.42 16.55 -38.72
C GLU E 221 7.76 18.01 -38.44
N TRP E 222 8.52 18.63 -39.34
CA TRP E 222 8.81 20.04 -39.19
C TRP E 222 8.51 20.87 -40.44
N THR E 223 7.38 21.57 -40.41
CA THR E 223 6.85 22.29 -41.58
C THR E 223 6.70 23.81 -41.39
N GLN E 224 7.60 24.41 -40.62
CA GLN E 224 7.56 25.86 -40.38
C GLN E 224 8.81 26.55 -40.91
N ASP E 225 8.73 27.88 -41.04
CA ASP E 225 9.79 28.65 -41.68
C ASP E 225 11.02 28.81 -40.78
N ARG E 226 10.79 28.89 -39.47
CA ARG E 226 11.85 29.04 -38.48
C ARG E 226 12.67 27.75 -38.32
N ALA E 227 13.84 27.87 -37.69
CA ALA E 227 14.70 26.72 -37.45
C ALA E 227 13.94 25.64 -36.70
N LYS E 228 14.42 24.40 -36.77
CA LYS E 228 13.78 23.31 -36.03
C LYS E 228 14.21 23.39 -34.58
N PRO E 229 13.25 23.44 -33.64
CA PRO E 229 13.58 23.56 -32.23
C PRO E 229 14.01 22.22 -31.63
N VAL E 230 15.11 21.66 -32.11
CA VAL E 230 15.63 20.39 -31.58
C VAL E 230 16.27 20.55 -30.19
N THR E 231 16.74 19.44 -29.65
CA THR E 231 17.53 19.46 -28.43
C THR E 231 18.92 20.01 -28.75
N GLN E 232 19.34 21.07 -28.05
CA GLN E 232 20.65 21.69 -28.32
C GLN E 232 21.10 22.68 -27.24
N ILE E 233 22.41 22.85 -27.11
CA ILE E 233 22.99 23.73 -26.12
C ILE E 233 23.05 25.16 -26.67
N VAL E 234 23.03 26.14 -25.76
CA VAL E 234 23.08 27.55 -26.12
C VAL E 234 23.87 28.30 -25.04
N SER E 235 24.83 29.14 -25.44
CA SER E 235 25.75 29.76 -24.47
C SER E 235 25.95 31.27 -24.63
N ALA E 236 25.85 31.98 -23.52
CA ALA E 236 26.33 33.36 -23.45
C ALA E 236 27.63 33.40 -22.66
N GLU E 237 28.71 33.82 -23.32
CA GLU E 237 30.03 33.83 -22.71
C GLU E 237 30.48 35.25 -22.40
N ALA E 238 31.50 35.38 -21.56
CA ALA E 238 32.05 36.69 -21.21
C ALA E 238 33.49 36.59 -20.72
N TRP E 239 34.15 37.74 -20.66
CA TRP E 239 35.53 37.81 -20.16
C TRP E 239 35.64 38.88 -19.08
N GLY E 240 36.53 38.66 -18.12
CA GLY E 240 36.82 39.66 -17.09
C GLY E 240 37.35 40.95 -17.67
N ARG E 241 37.49 41.97 -16.83
CA ARG E 241 37.96 43.26 -17.31
C ARG E 241 38.25 44.25 -16.17
N ALA E 242 39.42 44.88 -16.23
CA ALA E 242 39.78 45.93 -15.27
C ALA E 242 39.83 47.27 -15.98
N ASP E 243 38.97 47.43 -16.98
CA ASP E 243 38.91 48.66 -17.76
C ASP E 243 37.76 49.56 -17.31
S SO4 F . -18.06 -23.99 -5.82
O1 SO4 F . -18.57 -23.99 -7.19
O2 SO4 F . -18.57 -25.18 -5.12
O3 SO4 F . -16.60 -24.03 -5.81
O4 SO4 F . -18.53 -22.79 -5.14
CL CL G . -8.72 1.27 4.29
#